data_1DGK
#
_entry.id   1DGK
#
_cell.length_a   145.780
_cell.length_b   146.830
_cell.length_c   58.590
_cell.angle_alpha   90.00
_cell.angle_beta   90.00
_cell.angle_gamma   90.00
#
_symmetry.space_group_name_H-M   'P 21 21 2'
#
loop_
_entity.id
_entity.type
_entity.pdbx_description
1 polymer 'HEXOKINASE TYPE I'
2 non-polymer alpha-D-glucopyranose
3 non-polymer 'PHOSPHATE ION'
4 non-polymer "ADENOSINE-5'-DIPHOSPHATE"
5 water water
#
_entity_poly.entity_id   1
_entity_poly.type   'polypeptide(L)'
_entity_poly.pdbx_seq_one_letter_code
;MIAAQLLAYYFTELKDDQVKKIDKYLYAMRLSDETLIDIMTRFRKEMKNGLSRDFNPTATVKMLPTFVRSIPDGSEKGDF
IALDLGGSSFRILRVQVNHEKNQNVHMESEVYDTPENIVHGSGSQLFDHVAECLGDFMEKRKIKDKKLPVGFTFSFPCQQ
SKIDEAILITWTKRFKASGVEGADVVKLLNKAIKKRGDYDANIVAVVNDTVGTMMTCGYDDQHCEVGLIIGTGTNACYME
ELRHIDLVEGDEGRMCINTEWGAFGDDGSLEDIRTEFDRAIDAYSLNPGKQLFEKMVSGMYLGELVRLILVKMAKEGLLF
EGRITPELLTRGKFNTSDVSAIEKNKEGLHNAKEILTRLGVEPSDDDCVSVQHVCTIVSFRSANLVAATLGAILNRLRDN
KGTPRLRTTVGVDGSLYKTHPQYSRRFHKTLRRLVPDSDVRFLLSESGSGKGAAMVTAVAYRLAEQHRQIEETLAHFHLT
KDMLLEVKKRMRAEMELGLRKQTHNNAVVKMLPSFVRRTPDGTENGDFLALDLGGANFRVLLVKIRSGKKRTVEMHNKIY
AIPIEIMQGTGEELFDHIVSCISDFLDYMGIKGPRMPLGFTFSFPCQQTSLDAGILITWTKGFKATDCVGHDVVTLLRDA
IKRREEFDLDVVAVVNDTVGTMMTCAYEEPTCEVGLIVGTGSNACYMEEMKNVEMVEGDQGQMCINMEWGAFGDNGCLDD
IRTHYDRLVDEYSLNAGKQRYEKMISGMYLGEIVRNILIDFTKKGFLFRGQISETLKTRGIFETKFLSQIESDRLALLQV
RAILQQLGLNSTCDDSILVKTVCGVVSRRAAQLCGAGMAAVVDKIRENRGLDRLNVTVGVDGTLYKLHPHFSRIMHQTVK
ELSPKCNVSFLLSEDGSGKGAALITAVGVRLRTEASS
;
_entity_poly.pdbx_strand_id   N
#
loop_
_chem_comp.id
_chem_comp.type
_chem_comp.name
_chem_comp.formula
ADP non-polymer ADENOSINE-5'-DIPHOSPHATE 'C10 H15 N5 O10 P2'
GLC D-saccharide, alpha linking alpha-D-glucopyranose 'C6 H12 O6'
PO4 non-polymer 'PHOSPHATE ION' 'O4 P -3'
#
# COMPACT_ATOMS: atom_id res chain seq x y z
N ASP A 16 -35.01 51.60 23.45
CA ASP A 16 -33.63 52.02 23.01
C ASP A 16 -32.64 51.97 24.17
N ASP A 17 -32.93 52.51 25.35
CA ASP A 17 -32.10 52.51 26.54
C ASP A 17 -31.56 51.14 26.93
N GLN A 18 -32.42 50.25 27.42
CA GLN A 18 -32.03 48.92 27.85
C GLN A 18 -31.07 48.18 26.93
N VAL A 19 -31.54 47.99 25.70
CA VAL A 19 -30.74 47.31 24.69
C VAL A 19 -29.42 48.02 24.47
N LYS A 20 -29.43 49.35 24.42
CA LYS A 20 -28.19 50.11 24.28
C LYS A 20 -27.24 49.81 25.43
N LYS A 21 -27.76 49.77 26.65
CA LYS A 21 -26.93 49.44 27.80
C LYS A 21 -26.49 47.98 27.73
N ILE A 22 -27.38 47.07 27.34
CA ILE A 22 -27.01 45.65 27.18
C ILE A 22 -25.88 45.52 26.15
N ASP A 23 -26.00 46.30 25.07
CA ASP A 23 -24.94 46.34 24.06
C ASP A 23 -23.60 46.73 24.68
N LYS A 24 -23.66 47.68 25.59
CA LYS A 24 -22.43 48.19 26.20
C LYS A 24 -21.94 47.09 27.07
N TYR A 25 -22.80 46.56 27.95
CA TYR A 25 -22.34 45.49 28.85
C TYR A 25 -21.65 44.35 28.15
N LEU A 26 -22.20 43.87 27.04
CA LEU A 26 -21.73 42.73 26.28
C LEU A 26 -20.98 43.15 25.02
N TYR A 27 -20.49 44.37 25.02
CA TYR A 27 -19.73 44.89 23.92
C TYR A 27 -18.70 43.92 23.36
N ALA A 28 -17.92 43.19 24.11
CA ALA A 28 -16.98 42.25 23.55
C ALA A 28 -17.51 40.95 22.91
N MET A 29 -18.79 40.70 23.10
CA MET A 29 -19.48 39.55 22.57
C MET A 29 -20.10 39.92 21.22
N ARG A 30 -20.10 41.21 20.93
CA ARG A 30 -20.73 41.72 19.71
C ARG A 30 -19.74 42.07 18.63
N LEU A 31 -19.17 41.07 17.94
CA LEU A 31 -18.12 41.30 16.98
C LEU A 31 -18.42 42.05 15.73
N SER A 32 -17.42 42.74 15.22
CA SER A 32 -17.51 43.52 14.00
C SER A 32 -17.00 42.80 12.76
N ASP A 33 -17.16 43.41 11.58
CA ASP A 33 -16.69 42.77 10.37
C ASP A 33 -15.18 42.75 10.31
N GLU A 34 -14.57 43.83 10.81
CA GLU A 34 -13.09 43.86 10.85
C GLU A 34 -12.58 42.74 11.72
N THR A 35 -13.12 42.55 12.90
CA THR A 35 -12.74 41.47 13.78
C THR A 35 -13.01 40.13 13.11
N LEU A 36 -14.15 39.97 12.43
CA LEU A 36 -14.48 38.71 11.79
C LEU A 36 -13.49 38.36 10.68
N ILE A 37 -13.12 39.37 9.91
CA ILE A 37 -12.10 39.18 8.87
C ILE A 37 -10.77 38.77 9.51
N ASP A 38 -10.50 39.37 10.67
CA ASP A 38 -9.27 38.99 11.39
C ASP A 38 -9.35 37.49 11.72
N ILE A 39 -10.50 37.08 12.28
CA ILE A 39 -10.67 35.69 12.72
C ILE A 39 -10.57 34.74 11.55
N MET A 40 -11.18 35.18 10.44
CA MET A 40 -11.12 34.41 9.21
C MET A 40 -9.70 34.17 8.78
N THR A 41 -8.82 35.14 8.77
CA THR A 41 -7.42 35.10 8.41
C THR A 41 -6.67 34.25 9.40
N ARG A 42 -7.00 34.32 10.70
CA ARG A 42 -6.30 33.43 11.63
C ARG A 42 -6.65 31.98 11.28
N PHE A 43 -7.95 31.70 10.99
CA PHE A 43 -8.36 30.36 10.63
C PHE A 43 -7.72 29.90 9.33
N ARG A 44 -7.47 30.77 8.37
CA ARG A 44 -6.82 30.42 7.13
C ARG A 44 -5.43 29.89 7.42
N LYS A 45 -4.72 30.55 8.32
CA LYS A 45 -3.38 30.15 8.75
C LYS A 45 -3.45 28.83 9.49
N GLU A 46 -4.36 28.60 10.46
CA GLU A 46 -4.41 27.29 11.10
C GLU A 46 -4.71 26.13 10.15
N MET A 47 -5.55 26.35 9.10
CA MET A 47 -5.81 25.28 8.14
C MET A 47 -4.49 24.86 7.48
N LYS A 48 -3.69 25.85 7.07
CA LYS A 48 -2.39 25.55 6.48
C LYS A 48 -1.48 24.85 7.47
N ASN A 49 -1.45 25.23 8.74
CA ASN A 49 -0.64 24.53 9.72
C ASN A 49 -1.03 23.07 9.91
N GLY A 50 -2.34 22.84 9.93
CA GLY A 50 -3.00 21.55 10.05
C GLY A 50 -2.56 20.61 8.94
N LEU A 51 -2.56 21.13 7.74
CA LEU A 51 -2.18 20.35 6.59
C LEU A 51 -0.71 20.13 6.40
N SER A 52 0.13 20.95 7.01
CA SER A 52 1.57 20.84 6.85
C SER A 52 2.17 19.66 7.59
N ARG A 53 3.11 18.96 6.95
CA ARG A 53 3.79 17.88 7.64
C ARG A 53 4.68 18.41 8.76
N ASP A 54 5.13 19.67 8.66
CA ASP A 54 5.99 20.21 9.71
C ASP A 54 5.21 20.67 10.92
N PHE A 55 4.08 21.35 10.73
CA PHE A 55 3.39 21.89 11.89
C PHE A 55 2.25 21.01 12.39
N ASN A 56 1.92 19.98 11.60
CA ASN A 56 0.79 19.18 12.01
C ASN A 56 0.82 18.74 13.44
N PRO A 57 1.93 18.22 13.93
CA PRO A 57 1.97 17.67 15.28
C PRO A 57 1.57 18.69 16.32
N THR A 58 1.67 19.99 16.05
CA THR A 58 1.42 21.02 17.02
C THR A 58 0.41 21.99 16.45
N ALA A 59 -0.42 21.56 15.54
CA ALA A 59 -1.51 22.35 14.97
C ALA A 59 -2.76 22.14 15.81
N THR A 60 -3.47 23.19 16.17
CA THR A 60 -4.68 23.00 16.95
C THR A 60 -5.80 22.61 15.99
N VAL A 61 -5.76 22.99 14.74
CA VAL A 61 -6.81 22.63 13.77
C VAL A 61 -6.22 21.44 13.00
N LYS A 62 -6.65 20.23 13.36
CA LYS A 62 -6.05 19.01 12.88
C LYS A 62 -6.19 18.68 11.42
N MET A 63 -7.14 19.23 10.67
CA MET A 63 -7.27 18.92 9.25
C MET A 63 -7.04 17.45 8.94
N LEU A 64 -7.79 16.54 9.54
CA LEU A 64 -7.69 15.12 9.38
C LEU A 64 -8.17 14.59 8.06
N PRO A 65 -7.35 13.78 7.39
CA PRO A 65 -7.78 13.09 6.16
C PRO A 65 -8.86 12.07 6.50
N THR A 66 -9.89 11.99 5.65
CA THR A 66 -11.05 11.16 5.89
C THR A 66 -11.12 9.92 5.00
N PHE A 67 -10.32 9.92 3.94
CA PHE A 67 -10.28 8.86 2.96
C PHE A 67 -11.56 8.81 2.16
N VAL A 68 -12.31 9.91 2.04
CA VAL A 68 -13.51 9.97 1.17
C VAL A 68 -13.06 10.88 0.05
N ARG A 69 -12.85 10.35 -1.15
CA ARG A 69 -12.20 11.13 -2.19
C ARG A 69 -13.14 11.70 -3.23
N SER A 70 -14.43 11.56 -2.99
CA SER A 70 -15.43 12.12 -3.88
C SER A 70 -16.84 12.20 -3.32
N ILE A 71 -17.68 13.16 -3.75
CA ILE A 71 -19.08 13.13 -3.32
C ILE A 71 -19.74 12.08 -4.21
N PRO A 72 -20.92 11.56 -3.92
CA PRO A 72 -21.49 10.44 -4.66
C PRO A 72 -21.58 10.70 -6.15
N ASP A 73 -21.46 9.66 -6.97
CA ASP A 73 -21.53 9.82 -8.41
C ASP A 73 -22.75 9.14 -9.03
N GLY A 74 -23.60 8.49 -8.25
CA GLY A 74 -24.81 7.93 -8.82
C GLY A 74 -24.74 6.46 -9.04
N SER A 75 -23.56 5.87 -8.97
CA SER A 75 -23.33 4.44 -9.17
C SER A 75 -23.51 3.67 -7.87
N GLU A 76 -23.85 4.36 -6.78
CA GLU A 76 -23.98 3.70 -5.50
C GLU A 76 -25.28 2.92 -5.52
N LYS A 77 -25.24 1.72 -4.98
CA LYS A 77 -26.48 0.95 -4.91
C LYS A 77 -26.33 -0.14 -3.86
N GLY A 78 -27.35 -0.43 -3.08
CA GLY A 78 -27.17 -1.47 -2.08
C GLY A 78 -28.19 -1.29 -0.99
N ASP A 79 -27.96 -2.09 0.05
CA ASP A 79 -28.86 -2.05 1.22
C ASP A 79 -27.95 -2.06 2.44
N PHE A 80 -27.93 -0.91 3.11
CA PHE A 80 -26.98 -0.69 4.19
C PHE A 80 -27.50 -0.39 5.58
N ILE A 81 -26.63 -0.55 6.59
CA ILE A 81 -27.00 -0.18 7.93
C ILE A 81 -26.11 1.00 8.32
N ALA A 82 -26.68 2.04 8.92
CA ALA A 82 -25.81 3.14 9.31
C ALA A 82 -25.98 3.43 10.79
N LEU A 83 -24.89 3.50 11.56
CA LEU A 83 -25.03 3.88 12.97
C LEU A 83 -24.73 5.39 13.04
N ASP A 84 -25.23 6.14 14.00
CA ASP A 84 -25.02 7.58 14.06
C ASP A 84 -24.89 7.96 15.54
N LEU A 85 -23.63 8.13 15.98
CA LEU A 85 -23.31 8.38 17.38
C LEU A 85 -22.48 9.61 17.68
N GLY A 86 -22.89 10.41 18.66
CA GLY A 86 -22.08 11.60 18.97
C GLY A 86 -22.84 12.91 19.01
N GLY A 87 -23.96 12.94 18.29
CA GLY A 87 -24.82 14.11 18.22
C GLY A 87 -25.80 14.08 19.37
N SER A 88 -26.93 14.80 19.26
CA SER A 88 -27.96 14.77 20.31
C SER A 88 -28.70 13.43 20.41
N SER A 89 -28.77 12.64 19.32
CA SER A 89 -29.40 11.34 19.43
C SER A 89 -28.59 10.22 18.76
N PHE A 90 -28.59 9.05 19.41
CA PHE A 90 -27.96 7.86 18.84
C PHE A 90 -28.96 7.22 17.89
N ARG A 91 -28.71 7.20 16.59
CA ARG A 91 -29.67 6.65 15.65
C ARG A 91 -29.09 5.44 14.94
N ILE A 92 -29.96 4.52 14.49
CA ILE A 92 -29.55 3.37 13.69
C ILE A 92 -30.50 3.42 12.49
N LEU A 93 -29.98 3.31 11.27
CA LEU A 93 -30.84 3.42 10.11
C LEU A 93 -30.48 2.29 9.15
N ARG A 94 -31.45 1.94 8.33
CA ARG A 94 -31.31 0.96 7.26
C ARG A 94 -31.58 1.82 6.02
N VAL A 95 -30.64 1.92 5.12
CA VAL A 95 -30.72 2.84 4.00
C VAL A 95 -30.51 2.04 2.73
N GLN A 96 -31.50 2.06 1.86
CA GLN A 96 -31.46 1.33 0.59
C GLN A 96 -31.26 2.42 -0.45
N VAL A 97 -30.31 2.23 -1.38
CA VAL A 97 -30.01 3.27 -2.36
C VAL A 97 -30.03 2.65 -3.75
N ASN A 98 -30.88 3.20 -4.62
CA ASN A 98 -31.17 2.72 -5.95
C ASN A 98 -31.35 1.21 -5.96
N HIS A 99 -32.02 0.68 -4.93
CA HIS A 99 -32.20 -0.74 -4.67
C HIS A 99 -33.41 -1.22 -5.45
N GLU A 100 -34.14 -0.25 -5.97
CA GLU A 100 -35.30 -0.33 -6.83
C GLU A 100 -35.38 0.89 -7.74
N LYS A 101 -35.87 0.64 -8.95
CA LYS A 101 -36.04 1.74 -9.90
C LYS A 101 -37.01 2.81 -9.40
N ASN A 102 -36.68 4.07 -9.68
CA ASN A 102 -37.47 5.22 -9.33
C ASN A 102 -37.62 5.46 -7.83
N GLN A 103 -36.53 5.22 -7.13
CA GLN A 103 -36.50 5.42 -5.69
C GLN A 103 -34.99 5.56 -5.48
N ASN A 104 -34.57 6.80 -5.38
CA ASN A 104 -33.12 6.97 -5.16
C ASN A 104 -32.91 6.20 -3.86
N VAL A 105 -33.35 6.83 -2.78
CA VAL A 105 -33.11 6.27 -1.46
C VAL A 105 -34.37 5.89 -0.73
N HIS A 106 -34.28 4.91 0.17
CA HIS A 106 -35.40 4.59 1.03
C HIS A 106 -34.79 4.41 2.42
N MET A 107 -35.31 5.05 3.46
CA MET A 107 -34.76 4.97 4.79
C MET A 107 -35.73 4.61 5.90
N GLU A 108 -35.27 3.96 6.95
CA GLU A 108 -36.07 3.63 8.13
C GLU A 108 -35.05 3.87 9.26
N SER A 109 -35.53 4.38 10.39
CA SER A 109 -34.65 4.72 11.48
C SER A 109 -35.20 4.44 12.87
N GLU A 110 -34.30 4.44 13.87
CA GLU A 110 -34.72 4.26 15.25
C GLU A 110 -33.82 5.10 16.16
N VAL A 111 -34.36 5.83 17.12
CA VAL A 111 -33.48 6.49 18.08
C VAL A 111 -33.35 5.61 19.31
N TYR A 112 -32.15 5.46 19.87
CA TYR A 112 -31.99 4.63 21.05
C TYR A 112 -31.59 5.50 22.24
N ASP A 113 -32.33 5.42 23.33
CA ASP A 113 -32.05 6.22 24.51
C ASP A 113 -30.69 5.77 25.04
N THR A 114 -29.80 6.73 25.26
CA THR A 114 -28.43 6.46 25.70
C THR A 114 -28.09 7.42 26.82
N PRO A 115 -28.49 7.06 28.04
CA PRO A 115 -28.35 7.92 29.20
C PRO A 115 -26.91 8.27 29.53
N GLU A 116 -26.77 9.31 30.33
CA GLU A 116 -25.50 9.85 30.78
C GLU A 116 -24.53 8.84 31.38
N ASN A 117 -24.95 7.85 32.14
CA ASN A 117 -24.05 6.86 32.71
C ASN A 117 -23.35 6.05 31.63
N ILE A 118 -23.95 5.78 30.48
CA ILE A 118 -23.28 5.07 29.41
C ILE A 118 -22.25 5.98 28.74
N VAL A 119 -22.59 7.26 28.57
CA VAL A 119 -21.75 8.19 27.83
C VAL A 119 -20.55 8.59 28.66
N HIS A 120 -20.76 8.56 29.99
CA HIS A 120 -19.67 8.94 30.90
C HIS A 120 -18.93 7.76 31.52
N GLY A 121 -19.39 6.53 31.26
CA GLY A 121 -18.81 5.34 31.85
C GLY A 121 -17.62 4.75 31.11
N SER A 122 -17.53 3.42 31.08
CA SER A 122 -16.39 2.79 30.43
C SER A 122 -16.70 2.57 28.95
N GLY A 123 -15.62 2.50 28.18
CA GLY A 123 -15.69 2.29 26.75
C GLY A 123 -16.41 0.99 26.43
N SER A 124 -16.07 -0.04 27.18
CA SER A 124 -16.68 -1.34 26.99
C SER A 124 -18.19 -1.25 27.12
N GLN A 125 -18.64 -0.52 28.14
CA GLN A 125 -20.03 -0.32 28.45
C GLN A 125 -20.67 0.45 27.31
N LEU A 126 -19.94 1.45 26.83
CA LEU A 126 -20.44 2.24 25.71
C LEU A 126 -20.66 1.37 24.48
N PHE A 127 -19.60 0.69 24.05
CA PHE A 127 -19.69 -0.14 22.85
C PHE A 127 -20.56 -1.36 23.03
N ASP A 128 -20.74 -1.83 24.27
CA ASP A 128 -21.68 -2.94 24.51
C ASP A 128 -23.07 -2.37 24.19
N HIS A 129 -23.33 -1.12 24.61
CA HIS A 129 -24.63 -0.48 24.39
C HIS A 129 -24.91 -0.30 22.91
N VAL A 130 -23.87 0.07 22.14
CA VAL A 130 -24.08 0.21 20.70
C VAL A 130 -24.38 -1.15 20.05
N ALA A 131 -23.64 -2.18 20.50
CA ALA A 131 -23.84 -3.53 19.91
C ALA A 131 -25.24 -4.08 20.19
N GLU A 132 -25.71 -3.79 21.41
CA GLU A 132 -27.01 -4.25 21.85
C GLU A 132 -28.07 -3.60 21.01
N CYS A 133 -28.00 -2.27 20.86
CA CYS A 133 -29.06 -1.56 20.13
C CYS A 133 -29.05 -2.00 18.68
N LEU A 134 -27.86 -2.28 18.13
CA LEU A 134 -27.71 -2.78 16.76
C LEU A 134 -28.35 -4.15 16.64
N GLY A 135 -28.17 -4.96 17.68
CA GLY A 135 -28.79 -6.30 17.70
C GLY A 135 -30.31 -6.13 17.66
N ASP A 136 -30.82 -5.31 18.60
CA ASP A 136 -32.25 -5.04 18.66
C ASP A 136 -32.79 -4.53 17.33
N PHE A 137 -32.08 -3.59 16.69
CA PHE A 137 -32.45 -3.07 15.39
C PHE A 137 -32.55 -4.17 14.33
N MET A 138 -31.54 -5.04 14.25
CA MET A 138 -31.55 -6.09 13.24
C MET A 138 -32.63 -7.12 13.57
N GLU A 139 -32.79 -7.43 14.84
CA GLU A 139 -33.77 -8.37 15.37
C GLU A 139 -35.17 -8.00 14.89
N LYS A 140 -35.63 -6.83 15.37
CA LYS A 140 -36.90 -6.25 15.00
C LYS A 140 -37.15 -6.28 13.49
N ARG A 141 -36.17 -6.03 12.65
CA ARG A 141 -36.42 -6.01 11.21
C ARG A 141 -36.08 -7.30 10.51
N LYS A 142 -35.65 -8.31 11.25
CA LYS A 142 -35.26 -9.59 10.68
C LYS A 142 -34.26 -9.42 9.55
N ILE A 143 -33.16 -8.69 9.81
CA ILE A 143 -32.17 -8.52 8.76
C ILE A 143 -30.84 -9.08 9.23
N LYS A 144 -30.85 -9.86 10.30
CA LYS A 144 -29.64 -10.50 10.80
C LYS A 144 -28.85 -11.35 9.84
N ASP A 145 -29.44 -11.91 8.79
CA ASP A 145 -28.74 -12.76 7.83
C ASP A 145 -28.52 -12.12 6.48
N LYS A 146 -28.86 -10.83 6.34
CA LYS A 146 -28.75 -10.21 5.04
C LYS A 146 -27.32 -9.82 4.70
N LYS A 147 -26.44 -9.76 5.68
CA LYS A 147 -25.06 -9.35 5.42
C LYS A 147 -24.97 -7.91 4.93
N LEU A 148 -25.71 -6.98 5.53
CA LEU A 148 -25.76 -5.58 5.13
C LEU A 148 -24.52 -4.87 5.63
N PRO A 149 -23.72 -4.35 4.73
CA PRO A 149 -22.53 -3.61 5.10
C PRO A 149 -22.89 -2.51 6.08
N VAL A 150 -22.09 -2.34 7.12
CA VAL A 150 -22.38 -1.28 8.09
C VAL A 150 -21.48 -0.05 7.93
N GLY A 151 -22.09 1.12 7.99
CA GLY A 151 -21.39 2.39 8.00
C GLY A 151 -21.56 2.99 9.41
N PHE A 152 -20.52 3.67 9.90
CA PHE A 152 -20.58 4.31 11.21
C PHE A 152 -20.27 5.80 11.20
N THR A 153 -21.23 6.65 11.52
CA THR A 153 -21.03 8.09 11.66
C THR A 153 -20.73 8.21 13.16
N PHE A 154 -19.49 8.63 13.43
CA PHE A 154 -18.97 8.77 14.78
C PHE A 154 -18.35 10.17 14.89
N SER A 155 -19.12 11.13 15.41
CA SER A 155 -18.76 12.52 15.38
C SER A 155 -17.78 13.03 16.40
N PHE A 156 -16.54 12.57 16.35
CA PHE A 156 -15.42 12.90 17.20
C PHE A 156 -14.16 12.85 16.36
N PRO A 157 -13.12 13.59 16.68
CA PRO A 157 -11.89 13.61 15.92
C PRO A 157 -11.23 12.24 15.92
N CYS A 158 -10.96 11.72 14.74
CA CYS A 158 -10.30 10.42 14.65
C CYS A 158 -9.11 10.43 13.72
N GLN A 159 -8.18 9.54 14.10
CA GLN A 159 -7.02 9.33 13.24
C GLN A 159 -7.34 8.17 12.31
N GLN A 160 -7.36 8.42 11.01
CA GLN A 160 -7.72 7.41 10.04
C GLN A 160 -6.71 7.22 8.91
N SER A 161 -6.22 5.99 8.77
CA SER A 161 -5.28 5.75 7.68
C SER A 161 -5.99 5.08 6.53
N LYS A 162 -7.19 4.57 6.80
CA LYS A 162 -8.07 3.93 5.83
C LYS A 162 -9.52 4.12 6.29
N ILE A 163 -10.46 3.94 5.36
CA ILE A 163 -11.88 4.17 5.65
C ILE A 163 -12.42 3.33 6.78
N ASP A 164 -11.85 2.16 7.08
CA ASP A 164 -12.37 1.29 8.12
C ASP A 164 -11.63 1.31 9.44
N GLU A 165 -10.86 2.35 9.66
CA GLU A 165 -10.19 2.53 10.95
C GLU A 165 -10.52 3.93 11.49
N ALA A 166 -10.75 4.02 12.79
CA ALA A 166 -11.06 5.30 13.42
C ALA A 166 -10.49 5.32 14.84
N ILE A 167 -9.23 5.82 14.95
CA ILE A 167 -8.59 5.92 16.25
C ILE A 167 -9.00 7.22 16.92
N LEU A 168 -9.76 7.11 18.01
CA LEU A 168 -10.28 8.26 18.70
C LEU A 168 -9.16 9.17 19.15
N ILE A 169 -9.14 10.42 18.70
CA ILE A 169 -8.07 11.28 19.22
C ILE A 169 -8.49 11.79 20.59
N THR A 170 -9.65 12.43 20.73
CA THR A 170 -10.08 13.03 21.97
C THR A 170 -11.59 13.07 22.08
N TRP A 171 -12.15 12.84 23.25
CA TRP A 171 -13.59 12.93 23.37
C TRP A 171 -13.89 14.42 23.34
N THR A 172 -15.05 14.90 22.94
CA THR A 172 -15.51 16.27 22.89
C THR A 172 -17.00 16.22 23.24
N LYS A 173 -17.62 17.40 23.31
CA LYS A 173 -19.06 17.44 23.62
C LYS A 173 -19.40 16.67 24.89
N ARG A 174 -20.46 15.88 24.95
CA ARG A 174 -20.87 15.25 26.19
C ARG A 174 -20.23 13.93 26.52
N PHE A 175 -19.52 13.30 25.58
CA PHE A 175 -18.95 11.97 25.79
C PHE A 175 -17.64 12.03 26.54
N LYS A 176 -17.48 10.99 27.35
CA LYS A 176 -16.17 10.87 28.07
C LYS A 176 -16.07 9.46 28.64
N ALA A 177 -15.90 8.47 27.77
CA ALA A 177 -15.89 7.07 28.23
C ALA A 177 -14.45 6.64 28.33
N SER A 178 -14.09 6.06 29.45
CA SER A 178 -12.69 5.62 29.59
C SER A 178 -12.30 4.52 28.62
N GLY A 179 -11.01 4.39 28.36
CA GLY A 179 -10.40 3.40 27.49
C GLY A 179 -10.68 3.52 26.01
N VAL A 180 -11.11 4.73 25.55
CA VAL A 180 -11.42 4.82 24.12
C VAL A 180 -10.40 5.68 23.41
N GLU A 181 -10.00 6.80 24.00
CA GLU A 181 -8.99 7.66 23.38
C GLU A 181 -7.77 6.82 23.06
N GLY A 182 -7.22 6.89 21.86
CA GLY A 182 -6.08 6.13 21.44
C GLY A 182 -6.42 4.74 20.94
N ALA A 183 -7.69 4.32 20.95
CA ALA A 183 -8.08 3.02 20.43
C ALA A 183 -8.89 3.13 19.15
N ASP A 184 -8.79 2.17 18.26
CA ASP A 184 -9.58 2.13 17.05
C ASP A 184 -11.00 1.74 17.46
N VAL A 185 -11.95 2.66 17.24
CA VAL A 185 -13.32 2.36 17.65
C VAL A 185 -13.98 1.28 16.79
N VAL A 186 -13.44 1.01 15.60
CA VAL A 186 -13.96 -0.10 14.82
C VAL A 186 -13.65 -1.41 15.57
N LYS A 187 -12.41 -1.51 16.04
CA LYS A 187 -11.99 -2.68 16.80
C LYS A 187 -12.79 -2.77 18.10
N LEU A 188 -12.97 -1.69 18.86
CA LEU A 188 -13.77 -1.82 20.08
C LEU A 188 -15.19 -2.28 19.79
N LEU A 189 -15.81 -1.71 18.74
CA LEU A 189 -17.16 -2.07 18.34
C LEU A 189 -17.17 -3.51 17.87
N ASN A 190 -16.20 -3.95 17.06
CA ASN A 190 -16.12 -5.35 16.67
C ASN A 190 -16.04 -6.27 17.89
N LYS A 191 -15.19 -5.89 18.84
CA LYS A 191 -15.03 -6.62 20.08
C LYS A 191 -16.36 -6.72 20.83
N ALA A 192 -17.13 -5.63 20.93
CA ALA A 192 -18.39 -5.74 21.68
C ALA A 192 -19.41 -6.64 20.98
N ILE A 193 -19.45 -6.60 19.66
CA ILE A 193 -20.37 -7.43 18.89
C ILE A 193 -20.04 -8.90 19.05
N LYS A 194 -18.77 -9.24 18.90
CA LYS A 194 -18.27 -10.60 19.09
C LYS A 194 -18.70 -11.11 20.46
N LYS A 195 -18.41 -10.33 21.49
CA LYS A 195 -18.81 -10.67 22.86
C LYS A 195 -20.28 -11.03 22.90
N ARG A 196 -21.17 -10.34 22.19
CA ARG A 196 -22.58 -10.69 22.17
C ARG A 196 -22.83 -12.12 21.68
N GLY A 197 -22.20 -12.41 20.54
CA GLY A 197 -22.29 -13.69 19.86
C GLY A 197 -23.58 -13.91 19.08
N ASP A 198 -24.42 -12.89 19.04
CA ASP A 198 -25.74 -12.84 18.49
C ASP A 198 -25.93 -12.66 17.00
N TYR A 199 -24.99 -11.93 16.40
CA TYR A 199 -25.07 -11.67 14.97
C TYR A 199 -23.72 -11.18 14.46
N ASP A 200 -23.56 -11.21 13.15
CA ASP A 200 -22.32 -10.71 12.56
C ASP A 200 -22.61 -9.35 11.93
N ALA A 201 -21.62 -8.48 11.96
CA ALA A 201 -21.74 -7.13 11.40
C ALA A 201 -20.39 -6.77 10.79
N ASN A 202 -20.43 -6.40 9.54
CA ASN A 202 -19.25 -6.02 8.77
C ASN A 202 -19.16 -4.49 8.74
N ILE A 203 -18.39 -3.93 9.66
CA ILE A 203 -18.23 -2.47 9.73
C ILE A 203 -17.22 -2.04 8.67
N VAL A 204 -17.69 -1.54 7.54
CA VAL A 204 -16.75 -1.18 6.49
C VAL A 204 -16.33 0.27 6.39
N ALA A 205 -16.88 1.18 7.18
CA ALA A 205 -16.56 2.59 7.02
C ALA A 205 -16.98 3.35 8.28
N VAL A 206 -16.12 4.30 8.61
CA VAL A 206 -16.37 5.22 9.69
C VAL A 206 -16.26 6.62 9.08
N VAL A 207 -17.15 7.53 9.42
CA VAL A 207 -17.13 8.88 8.88
C VAL A 207 -17.57 9.88 9.94
N ASN A 208 -17.08 11.10 9.84
CA ASN A 208 -17.41 12.15 10.80
C ASN A 208 -18.81 12.62 10.41
N ASP A 209 -19.62 13.24 11.24
CA ASP A 209 -20.90 13.75 10.81
C ASP A 209 -20.81 14.89 9.80
N THR A 210 -19.73 15.61 9.74
CA THR A 210 -19.57 16.64 8.75
C THR A 210 -19.51 15.97 7.39
N VAL A 211 -18.78 14.88 7.35
CA VAL A 211 -18.55 14.14 6.11
C VAL A 211 -19.84 13.49 5.64
N GLY A 212 -20.64 12.94 6.55
CA GLY A 212 -21.92 12.32 6.22
C GLY A 212 -22.82 13.38 5.59
N THR A 213 -22.88 14.55 6.23
CA THR A 213 -23.67 15.68 5.75
C THR A 213 -23.30 16.10 4.33
N MET A 214 -21.99 16.27 4.10
CA MET A 214 -21.49 16.63 2.79
C MET A 214 -21.92 15.58 1.78
N MET A 215 -21.85 14.31 2.14
CA MET A 215 -22.22 13.23 1.21
C MET A 215 -23.72 13.13 0.96
N THR A 216 -24.52 13.35 2.01
CA THR A 216 -25.96 13.39 1.89
C THR A 216 -26.32 14.51 0.93
N CYS A 217 -25.76 15.69 1.11
CA CYS A 217 -26.13 16.82 0.26
C CYS A 217 -25.53 16.67 -1.11
N GLY A 218 -24.40 16.00 -1.19
CA GLY A 218 -23.68 15.84 -2.45
C GLY A 218 -24.44 14.92 -3.41
N TYR A 219 -25.20 14.03 -2.79
CA TYR A 219 -26.01 13.10 -3.54
C TYR A 219 -27.06 13.91 -4.32
N ASP A 220 -27.62 14.98 -3.76
CA ASP A 220 -28.56 15.84 -4.44
C ASP A 220 -27.87 16.91 -5.28
N ASP A 221 -26.83 17.55 -4.77
CA ASP A 221 -26.18 18.64 -5.49
C ASP A 221 -24.73 18.33 -5.76
N GLN A 222 -24.36 18.33 -7.04
CA GLN A 222 -23.00 17.97 -7.44
C GLN A 222 -22.01 19.08 -7.17
N HIS A 223 -22.43 20.26 -6.73
CA HIS A 223 -21.52 21.33 -6.38
C HIS A 223 -21.25 21.31 -4.90
N CYS A 224 -21.72 20.30 -4.17
CA CYS A 224 -21.50 20.31 -2.72
C CYS A 224 -20.05 19.97 -2.41
N GLU A 225 -19.30 20.81 -1.76
CA GLU A 225 -17.91 20.65 -1.45
C GLU A 225 -17.63 20.83 0.02
N VAL A 226 -18.62 21.16 0.84
CA VAL A 226 -18.43 21.40 2.25
C VAL A 226 -19.50 20.71 3.05
N GLY A 227 -19.22 20.24 4.23
CA GLY A 227 -20.16 19.66 5.15
C GLY A 227 -20.04 20.54 6.40
N LEU A 228 -21.13 21.01 6.93
CA LEU A 228 -21.08 21.87 8.11
C LEU A 228 -22.00 21.36 9.20
N ILE A 229 -21.60 21.21 10.43
CA ILE A 229 -22.50 20.87 11.53
C ILE A 229 -22.52 22.02 12.54
N ILE A 230 -23.68 22.45 12.96
CA ILE A 230 -23.85 23.49 13.98
C ILE A 230 -24.93 22.93 14.90
N GLY A 231 -24.56 21.93 15.68
CA GLY A 231 -25.48 21.19 16.56
C GLY A 231 -24.98 21.18 17.99
N THR A 232 -24.91 19.99 18.59
CA THR A 232 -24.36 19.90 19.94
C THR A 232 -22.96 20.50 19.96
N GLY A 233 -22.14 20.12 18.99
CA GLY A 233 -20.82 20.67 18.76
C GLY A 233 -20.84 21.36 17.39
N THR A 234 -19.74 21.88 16.88
CA THR A 234 -19.66 22.48 15.57
C THR A 234 -18.34 22.05 14.90
N ASN A 235 -18.31 21.90 13.60
CA ASN A 235 -17.18 21.41 12.83
C ASN A 235 -17.52 21.60 11.34
N ALA A 236 -16.49 21.46 10.51
CA ALA A 236 -16.76 21.50 9.08
C ALA A 236 -15.81 20.57 8.34
N CYS A 237 -16.23 19.98 7.23
CA CYS A 237 -15.28 19.29 6.35
C CYS A 237 -15.38 19.92 4.96
N TYR A 238 -14.34 19.82 4.12
CA TYR A 238 -14.40 20.34 2.77
C TYR A 238 -13.43 19.56 1.87
N MET A 239 -13.67 19.64 0.56
CA MET A 239 -12.83 18.87 -0.35
C MET A 239 -11.50 19.57 -0.64
N GLU A 240 -10.39 18.99 -0.23
CA GLU A 240 -9.08 19.55 -0.44
C GLU A 240 -8.37 18.86 -1.58
N GLU A 241 -7.35 19.49 -2.15
CA GLU A 241 -6.52 18.90 -3.18
C GLU A 241 -5.46 18.00 -2.55
N LEU A 242 -5.22 16.79 -3.05
CA LEU A 242 -4.24 15.88 -2.49
C LEU A 242 -2.88 16.52 -2.42
N ARG A 243 -2.48 17.35 -3.38
CA ARG A 243 -1.18 17.99 -3.32
C ARG A 243 -0.97 18.90 -2.11
N HIS A 244 -2.03 19.36 -1.46
CA HIS A 244 -1.93 20.17 -0.26
C HIS A 244 -2.01 19.36 1.03
N ILE A 245 -2.34 18.07 0.89
CA ILE A 245 -2.45 17.20 2.05
C ILE A 245 -1.16 16.43 2.22
N ASP A 246 -0.23 17.07 2.95
CA ASP A 246 1.09 16.49 3.17
C ASP A 246 1.08 15.13 3.83
N LEU A 247 0.15 14.86 4.73
CA LEU A 247 0.13 13.54 5.35
C LEU A 247 -0.55 12.41 4.62
N VAL A 248 -0.97 12.65 3.38
CA VAL A 248 -1.53 11.58 2.56
C VAL A 248 -0.68 11.46 1.28
N GLU A 249 -0.12 10.26 1.02
CA GLU A 249 0.71 10.15 -0.18
C GLU A 249 -0.11 10.31 -1.46
N GLY A 250 0.44 11.11 -2.36
CA GLY A 250 -0.15 11.33 -3.66
C GLY A 250 -0.37 12.81 -3.89
N ASP A 251 -0.39 13.20 -5.15
CA ASP A 251 -0.68 14.58 -5.52
C ASP A 251 -1.87 14.62 -6.48
N GLU A 252 -2.47 13.45 -6.60
CA GLU A 252 -3.57 13.05 -7.41
C GLU A 252 -4.97 13.35 -6.94
N GLY A 253 -5.73 14.27 -7.51
CA GLY A 253 -7.11 14.44 -7.10
C GLY A 253 -7.45 15.07 -5.77
N ARG A 254 -8.66 14.80 -5.25
CA ARG A 254 -9.11 15.41 -4.01
C ARG A 254 -9.48 14.47 -2.88
N MET A 255 -9.51 14.98 -1.67
CA MET A 255 -9.89 14.18 -0.51
C MET A 255 -10.53 15.10 0.53
N CYS A 256 -11.63 14.64 1.08
CA CYS A 256 -12.33 15.39 2.11
C CYS A 256 -11.41 15.48 3.34
N ILE A 257 -11.34 16.68 3.93
CA ILE A 257 -10.58 16.96 5.13
C ILE A 257 -11.58 17.32 6.25
N ASN A 258 -11.50 16.69 7.39
CA ASN A 258 -12.32 17.05 8.55
C ASN A 258 -11.51 18.06 9.33
N THR A 259 -11.90 19.33 9.35
CA THR A 259 -11.08 20.35 9.99
C THR A 259 -10.92 20.22 11.48
N GLU A 260 -12.00 19.84 12.14
CA GLU A 260 -12.07 19.77 13.60
C GLU A 260 -11.78 21.19 14.10
N TRP A 261 -12.45 22.16 13.54
CA TRP A 261 -12.36 23.55 13.81
C TRP A 261 -12.83 23.92 15.19
N GLY A 262 -13.50 23.04 15.92
CA GLY A 262 -13.89 23.37 17.28
C GLY A 262 -12.68 23.67 18.14
N ALA A 263 -11.53 23.05 17.84
CA ALA A 263 -10.32 23.24 18.62
C ALA A 263 -9.55 24.50 18.22
N PHE A 264 -10.02 25.29 17.29
CA PHE A 264 -9.38 26.56 16.93
C PHE A 264 -9.34 27.41 18.19
N GLY A 265 -8.19 28.01 18.50
CA GLY A 265 -7.97 28.82 19.67
C GLY A 265 -7.53 28.04 20.89
N ASP A 266 -7.36 26.71 20.82
CA ASP A 266 -6.97 25.94 21.99
C ASP A 266 -5.59 26.31 22.50
N ASP A 267 -4.75 26.91 21.69
CA ASP A 267 -3.41 27.29 21.94
C ASP A 267 -3.39 28.69 22.55
N GLY A 268 -4.54 29.34 22.52
CA GLY A 268 -4.54 30.69 23.15
C GLY A 268 -4.61 31.76 22.07
N SER A 269 -4.81 31.38 20.80
CA SER A 269 -4.89 32.43 19.77
C SER A 269 -6.20 33.19 19.70
N LEU A 270 -7.23 32.86 20.45
CA LEU A 270 -8.50 33.60 20.38
C LEU A 270 -8.78 34.31 21.69
N GLU A 271 -7.79 34.37 22.56
CA GLU A 271 -7.92 34.96 23.88
C GLU A 271 -8.35 36.40 23.88
N ASP A 272 -8.10 37.17 22.81
CA ASP A 272 -8.58 38.54 22.69
C ASP A 272 -10.06 38.59 22.33
N ILE A 273 -10.68 37.48 21.91
CA ILE A 273 -12.08 37.38 21.56
C ILE A 273 -12.82 36.79 22.72
N ARG A 274 -12.20 35.89 23.46
CA ARG A 274 -12.93 35.24 24.55
C ARG A 274 -13.20 36.15 25.71
N THR A 275 -14.31 36.04 26.39
CA THR A 275 -14.75 36.82 27.52
C THR A 275 -14.75 36.06 28.83
N GLU A 276 -15.16 36.73 29.92
CA GLU A 276 -15.14 36.03 31.20
C GLU A 276 -16.07 34.84 31.13
N PHE A 277 -17.20 35.06 30.42
CA PHE A 277 -18.22 34.02 30.36
C PHE A 277 -17.67 32.77 29.71
N ASP A 278 -16.92 33.00 28.63
CA ASP A 278 -16.30 31.89 27.89
C ASP A 278 -15.37 31.10 28.77
N ARG A 279 -14.56 31.84 29.52
CA ARG A 279 -13.62 31.26 30.47
C ARG A 279 -14.34 30.47 31.56
N ALA A 280 -15.47 31.01 32.04
CA ALA A 280 -16.23 30.29 33.05
C ALA A 280 -16.78 28.96 32.55
N ILE A 281 -17.45 29.01 31.40
CA ILE A 281 -18.09 27.82 30.85
C ILE A 281 -16.98 26.81 30.56
N ASP A 282 -15.84 27.34 30.06
CA ASP A 282 -14.75 26.36 29.78
C ASP A 282 -14.20 25.61 31.00
N ALA A 283 -13.98 26.40 32.07
CA ALA A 283 -13.42 25.87 33.30
C ALA A 283 -14.28 24.79 33.90
N TYR A 284 -15.59 24.93 33.92
CA TYR A 284 -16.43 23.86 34.50
C TYR A 284 -16.89 22.81 33.50
N SER A 285 -16.44 22.79 32.23
CA SER A 285 -16.93 21.80 31.27
C SER A 285 -16.29 20.44 31.46
N LEU A 286 -16.66 19.43 30.69
CA LEU A 286 -16.05 18.12 30.77
C LEU A 286 -14.60 18.13 30.27
N ASN A 287 -14.28 19.06 29.40
CA ASN A 287 -12.96 19.17 28.77
C ASN A 287 -12.39 20.58 28.86
N PRO A 288 -11.90 21.00 30.02
CA PRO A 288 -11.41 22.37 30.16
C PRO A 288 -10.19 22.67 29.32
N GLY A 289 -10.23 23.82 28.67
CA GLY A 289 -9.15 24.24 27.81
C GLY A 289 -9.13 23.66 26.42
N LYS A 290 -10.09 22.83 26.05
CA LYS A 290 -10.20 22.23 24.73
C LYS A 290 -11.50 22.68 24.06
N GLN A 291 -11.47 22.64 22.72
CA GLN A 291 -12.64 22.98 21.91
C GLN A 291 -13.13 24.36 22.27
N LEU A 292 -12.27 25.34 22.36
CA LEU A 292 -12.62 26.67 22.80
C LEU A 292 -13.49 27.40 21.80
N PHE A 293 -13.19 27.19 20.52
CA PHE A 293 -13.97 27.89 19.49
C PHE A 293 -15.40 27.35 19.56
N GLU A 294 -15.51 26.03 19.66
CA GLU A 294 -16.79 25.36 19.63
C GLU A 294 -17.61 25.81 20.82
N LYS A 295 -16.92 26.17 21.92
CA LYS A 295 -17.59 26.56 23.15
C LYS A 295 -18.16 27.95 23.02
N MET A 296 -17.81 28.71 21.98
CA MET A 296 -18.44 30.02 21.81
C MET A 296 -19.62 29.93 20.85
N VAL A 297 -19.70 28.80 20.15
CA VAL A 297 -20.65 28.60 19.07
C VAL A 297 -21.82 27.64 19.17
N SER A 298 -21.64 26.42 19.62
CA SER A 298 -22.61 25.38 19.56
C SER A 298 -23.64 25.32 20.63
N GLY A 299 -24.67 24.56 20.31
CA GLY A 299 -25.87 24.31 21.05
C GLY A 299 -25.68 23.77 22.46
N MET A 300 -24.56 23.06 22.70
CA MET A 300 -24.31 22.48 23.99
C MET A 300 -24.02 23.62 24.96
N TYR A 301 -23.37 24.65 24.41
CA TYR A 301 -22.95 25.77 25.25
C TYR A 301 -23.72 27.07 25.20
N LEU A 302 -24.44 27.48 24.16
CA LEU A 302 -25.02 28.81 24.14
C LEU A 302 -25.95 29.07 25.31
N GLY A 303 -26.84 28.13 25.65
CA GLY A 303 -27.78 28.43 26.75
C GLY A 303 -27.05 28.75 28.03
N GLU A 304 -26.03 27.96 28.35
CA GLU A 304 -25.21 28.10 29.54
C GLU A 304 -24.45 29.42 29.51
N LEU A 305 -23.96 29.90 28.36
CA LEU A 305 -23.30 31.18 28.29
C LEU A 305 -24.31 32.27 28.73
N VAL A 306 -25.51 32.19 28.16
CA VAL A 306 -26.59 33.10 28.52
C VAL A 306 -26.86 33.05 30.03
N ARG A 307 -27.07 31.89 30.64
CA ARG A 307 -27.30 31.76 32.07
C ARG A 307 -26.15 32.40 32.85
N LEU A 308 -24.88 32.11 32.54
CA LEU A 308 -23.79 32.77 33.25
C LEU A 308 -23.90 34.28 33.15
N ILE A 309 -24.28 34.87 32.02
CA ILE A 309 -24.40 36.30 31.88
C ILE A 309 -25.54 36.84 32.75
N LEU A 310 -26.63 36.06 32.81
CA LEU A 310 -27.79 36.54 33.60
C LEU A 310 -27.47 36.51 35.09
N VAL A 311 -26.76 35.47 35.51
CA VAL A 311 -26.30 35.44 36.89
C VAL A 311 -25.46 36.68 37.19
N LYS A 312 -24.39 37.00 36.48
CA LYS A 312 -23.60 38.19 36.79
C LYS A 312 -24.44 39.46 36.80
N MET A 313 -25.35 39.63 35.84
CA MET A 313 -26.21 40.80 35.74
C MET A 313 -27.11 40.91 36.96
N ALA A 314 -27.64 39.76 37.35
CA ALA A 314 -28.53 39.72 38.52
C ALA A 314 -27.75 40.18 39.74
N LYS A 315 -26.57 39.62 39.89
CA LYS A 315 -25.66 39.96 40.99
C LYS A 315 -25.39 41.46 41.03
N GLU A 316 -25.32 42.13 39.89
CA GLU A 316 -25.14 43.56 39.80
C GLU A 316 -26.49 44.29 39.88
N GLY A 317 -27.59 43.60 40.15
CA GLY A 317 -28.90 44.23 40.22
C GLY A 317 -29.38 44.82 38.90
N LEU A 318 -28.89 44.33 37.78
CA LEU A 318 -29.33 44.73 36.46
C LEU A 318 -30.53 43.91 35.96
N LEU A 319 -30.77 42.76 36.61
CA LEU A 319 -31.92 41.95 36.26
C LEU A 319 -32.62 41.50 37.54
N PHE A 320 -33.92 41.28 37.42
CA PHE A 320 -34.74 40.77 38.52
C PHE A 320 -34.60 41.52 39.84
N GLU A 321 -34.28 42.82 39.80
CA GLU A 321 -34.02 43.60 41.00
C GLU A 321 -33.04 42.88 41.91
N GLY A 322 -32.04 42.21 41.35
CA GLY A 322 -31.05 41.47 42.12
C GLY A 322 -31.52 40.14 42.65
N ARG A 323 -32.73 39.71 42.34
CA ARG A 323 -33.20 38.40 42.80
C ARG A 323 -32.37 37.30 42.17
N ILE A 324 -31.87 36.37 42.98
CA ILE A 324 -31.07 35.26 42.48
C ILE A 324 -31.52 33.97 43.15
N THR A 325 -32.04 33.04 42.36
CA THR A 325 -32.47 31.76 42.90
C THR A 325 -31.40 30.72 42.62
N PRO A 326 -31.49 29.61 43.32
CA PRO A 326 -30.58 28.49 43.14
C PRO A 326 -30.80 27.87 41.77
N GLU A 327 -32.06 27.89 41.31
CA GLU A 327 -32.36 27.38 39.97
C GLU A 327 -31.57 28.21 38.97
N LEU A 328 -31.63 29.53 39.08
CA LEU A 328 -30.82 30.40 38.25
C LEU A 328 -29.34 30.03 38.33
N LEU A 329 -28.86 29.69 39.53
CA LEU A 329 -27.47 29.34 39.74
C LEU A 329 -27.17 27.92 39.25
N THR A 330 -28.15 27.12 38.87
CA THR A 330 -27.84 25.75 38.47
C THR A 330 -27.29 25.64 37.05
N ARG A 331 -26.07 25.15 36.96
CA ARG A 331 -25.39 24.97 35.68
C ARG A 331 -26.29 24.11 34.81
N GLY A 332 -26.53 24.54 33.56
CA GLY A 332 -27.33 23.76 32.64
C GLY A 332 -28.82 23.88 32.68
N LYS A 333 -29.33 24.63 33.64
CA LYS A 333 -30.74 24.91 33.81
C LYS A 333 -31.39 25.80 32.75
N PHE A 334 -30.64 26.51 31.95
CA PHE A 334 -31.15 27.38 30.88
C PHE A 334 -30.47 26.85 29.60
N ASN A 335 -31.27 26.20 28.75
CA ASN A 335 -30.64 25.58 27.58
C ASN A 335 -30.77 26.41 26.30
N THR A 336 -30.15 25.88 25.25
CA THR A 336 -30.17 26.53 23.95
C THR A 336 -31.54 26.58 23.34
N SER A 337 -32.40 25.59 23.66
CA SER A 337 -33.80 25.61 23.25
C SER A 337 -34.53 26.82 23.84
N ASP A 338 -34.18 27.16 25.09
CA ASP A 338 -34.76 28.36 25.73
C ASP A 338 -34.29 29.59 24.96
N VAL A 339 -33.01 29.61 24.55
CA VAL A 339 -32.53 30.73 23.75
C VAL A 339 -33.39 30.87 22.48
N SER A 340 -33.62 29.73 21.83
CA SER A 340 -34.35 29.70 20.58
C SER A 340 -35.79 30.16 20.81
N ALA A 341 -36.41 29.66 21.89
CA ALA A 341 -37.80 30.02 22.13
C ALA A 341 -37.90 31.54 22.32
N ILE A 342 -36.96 32.05 23.10
CA ILE A 342 -36.96 33.45 23.46
C ILE A 342 -36.75 34.31 22.25
N GLU A 343 -36.06 33.87 21.21
CA GLU A 343 -35.80 34.75 20.07
C GLU A 343 -36.90 34.65 19.04
N LYS A 344 -37.98 33.91 19.24
CA LYS A 344 -39.06 33.86 18.27
C LYS A 344 -39.71 35.23 18.07
N ASN A 345 -40.02 35.56 16.83
CA ASN A 345 -40.59 36.83 16.46
C ASN A 345 -41.82 37.27 17.24
N LYS A 346 -42.86 36.46 17.29
CA LYS A 346 -44.06 37.00 17.97
C LYS A 346 -44.18 36.60 19.43
N GLU A 347 -43.77 35.38 19.75
CA GLU A 347 -43.90 34.82 21.08
C GLU A 347 -42.65 34.81 21.95
N GLY A 348 -41.54 35.35 21.47
CA GLY A 348 -40.31 35.39 22.23
C GLY A 348 -40.43 36.00 23.62
N LEU A 349 -40.93 37.24 23.73
CA LEU A 349 -41.03 37.87 25.04
C LEU A 349 -41.91 37.05 25.97
N HIS A 350 -42.98 36.49 25.42
CA HIS A 350 -43.91 35.70 26.21
C HIS A 350 -43.19 34.45 26.71
N ASN A 351 -42.44 33.80 25.82
CA ASN A 351 -41.63 32.65 26.19
C ASN A 351 -40.60 33.04 27.25
N ALA A 352 -39.98 34.20 27.09
CA ALA A 352 -39.00 34.64 28.07
C ALA A 352 -39.63 34.64 29.47
N LYS A 353 -40.84 35.22 29.50
CA LYS A 353 -41.60 35.36 30.72
C LYS A 353 -41.85 34.03 31.42
N GLU A 354 -42.38 33.08 30.69
CA GLU A 354 -42.61 31.74 31.20
C GLU A 354 -41.32 31.05 31.67
N ILE A 355 -40.32 31.04 30.78
CA ILE A 355 -39.02 30.47 31.09
C ILE A 355 -38.42 31.12 32.33
N LEU A 356 -38.37 32.45 32.39
CA LEU A 356 -37.74 33.06 33.57
C LEU A 356 -38.56 32.85 34.83
N THR A 357 -39.89 32.85 34.67
CA THR A 357 -40.79 32.60 35.80
C THR A 357 -40.43 31.26 36.42
N ARG A 358 -40.23 30.24 35.58
CA ARG A 358 -39.80 28.96 36.13
C ARG A 358 -38.44 29.01 36.77
N LEU A 359 -37.59 30.01 36.53
CA LEU A 359 -36.27 30.05 37.17
C LEU A 359 -36.38 30.31 38.67
N GLY A 360 -37.56 30.73 39.12
CA GLY A 360 -37.80 31.03 40.51
C GLY A 360 -37.93 32.56 40.58
N VAL A 361 -37.55 33.23 39.49
CA VAL A 361 -37.72 34.68 39.59
C VAL A 361 -39.21 34.92 39.27
N GLU A 362 -39.49 36.18 39.29
CA GLU A 362 -40.71 36.89 39.02
C GLU A 362 -40.18 38.02 38.13
N PRO A 363 -39.89 37.65 36.89
CA PRO A 363 -39.30 38.56 35.94
C PRO A 363 -40.29 39.63 35.57
N SER A 364 -39.81 40.86 35.43
CA SER A 364 -40.67 41.94 34.97
C SER A 364 -40.66 41.81 33.43
N ASP A 365 -41.45 42.68 32.81
CA ASP A 365 -41.51 42.75 31.36
C ASP A 365 -40.21 43.29 30.79
N ASP A 366 -39.60 44.25 31.49
CA ASP A 366 -38.31 44.78 31.06
C ASP A 366 -37.23 43.70 31.16
N ASP A 367 -37.35 42.84 32.17
CA ASP A 367 -36.40 41.75 32.35
C ASP A 367 -36.43 40.84 31.14
N CYS A 368 -37.64 40.58 30.65
CA CYS A 368 -37.87 39.79 29.45
C CYS A 368 -37.22 40.39 28.21
N VAL A 369 -37.33 41.70 28.06
CA VAL A 369 -36.70 42.35 26.90
C VAL A 369 -35.18 42.21 27.02
N SER A 370 -34.63 42.50 28.19
CA SER A 370 -33.20 42.40 28.45
C SER A 370 -32.66 41.00 28.19
N VAL A 371 -33.34 39.99 28.75
CA VAL A 371 -32.92 38.63 28.54
C VAL A 371 -32.96 38.26 27.08
N GLN A 372 -34.05 38.57 26.39
CA GLN A 372 -34.12 38.36 24.94
C GLN A 372 -32.92 39.00 24.25
N HIS A 373 -32.52 40.22 24.59
CA HIS A 373 -31.37 40.81 23.92
C HIS A 373 -30.08 40.07 24.22
N VAL A 374 -29.97 39.49 25.43
CA VAL A 374 -28.74 38.77 25.78
C VAL A 374 -28.72 37.52 24.92
N CYS A 375 -29.85 36.84 24.77
CA CYS A 375 -29.95 35.71 23.86
C CYS A 375 -29.60 36.07 22.42
N THR A 376 -30.08 37.18 21.89
CA THR A 376 -29.72 37.67 20.57
C THR A 376 -28.21 37.84 20.41
N ILE A 377 -27.55 38.48 21.38
CA ILE A 377 -26.12 38.76 21.23
C ILE A 377 -25.35 37.46 21.23
N VAL A 378 -25.71 36.55 22.13
CA VAL A 378 -24.97 35.28 22.22
C VAL A 378 -25.16 34.48 20.94
N SER A 379 -26.42 34.24 20.56
CA SER A 379 -26.64 33.48 19.33
C SER A 379 -26.14 34.19 18.07
N PHE A 380 -26.14 35.52 17.98
CA PHE A 380 -25.59 36.15 16.79
C PHE A 380 -24.06 36.05 16.78
N ARG A 381 -23.39 36.09 17.96
CA ARG A 381 -21.95 36.01 17.95
C ARG A 381 -21.56 34.65 17.37
N SER A 382 -22.29 33.62 17.77
CA SER A 382 -22.03 32.28 17.30
C SER A 382 -22.11 32.26 15.78
N ALA A 383 -23.21 32.82 15.25
CA ALA A 383 -23.43 32.79 13.82
C ALA A 383 -22.28 33.50 13.10
N ASN A 384 -21.89 34.63 13.64
CA ASN A 384 -20.81 35.45 13.09
C ASN A 384 -19.48 34.70 13.09
N LEU A 385 -19.19 34.00 14.18
CA LEU A 385 -17.97 33.21 14.28
C LEU A 385 -17.85 32.09 13.26
N VAL A 386 -18.98 31.39 13.02
CA VAL A 386 -19.04 30.27 12.08
C VAL A 386 -18.96 30.83 10.68
N ALA A 387 -19.55 32.00 10.47
CA ALA A 387 -19.43 32.65 9.16
C ALA A 387 -17.95 32.92 8.91
N ALA A 388 -17.23 33.43 9.92
CA ALA A 388 -15.83 33.72 9.70
C ALA A 388 -15.00 32.50 9.32
N THR A 389 -15.10 31.42 10.08
CA THR A 389 -14.36 30.21 9.78
C THR A 389 -14.85 29.64 8.45
N LEU A 390 -16.17 29.51 8.24
CA LEU A 390 -16.59 28.99 6.92
C LEU A 390 -15.99 29.88 5.84
N GLY A 391 -15.93 31.21 5.97
CA GLY A 391 -15.42 32.09 4.93
C GLY A 391 -14.01 31.65 4.54
N ALA A 392 -13.19 31.37 5.56
CA ALA A 392 -11.84 30.88 5.30
C ALA A 392 -11.82 29.64 4.41
N ILE A 393 -12.61 28.61 4.73
CA ILE A 393 -12.73 27.42 3.89
C ILE A 393 -13.16 27.87 2.50
N LEU A 394 -14.17 28.73 2.34
CA LEU A 394 -14.56 29.15 0.99
C LEU A 394 -13.44 29.84 0.23
N ASN A 395 -12.61 30.65 0.91
CA ASN A 395 -11.51 31.33 0.22
C ASN A 395 -10.47 30.31 -0.22
N ARG A 396 -10.26 29.33 0.65
CA ARG A 396 -9.34 28.24 0.32
C ARG A 396 -9.85 27.51 -0.91
N LEU A 397 -11.15 27.14 -0.98
CA LEU A 397 -11.66 26.47 -2.17
C LEU A 397 -11.45 27.34 -3.41
N ARG A 398 -11.76 28.63 -3.29
CA ARG A 398 -11.61 29.54 -4.41
C ARG A 398 -10.17 29.58 -4.92
N ASP A 399 -9.23 29.67 -3.99
CA ASP A 399 -7.81 29.61 -4.37
C ASP A 399 -7.50 28.30 -5.09
N ASN A 400 -8.00 27.15 -4.62
CA ASN A 400 -7.69 25.87 -5.20
C ASN A 400 -8.21 25.74 -6.62
N LYS A 401 -9.39 26.30 -6.88
CA LYS A 401 -10.06 26.22 -8.17
C LYS A 401 -9.43 27.16 -9.17
N GLY A 402 -8.92 28.27 -8.64
CA GLY A 402 -8.20 29.28 -9.37
C GLY A 402 -9.02 30.29 -10.14
N THR A 403 -10.29 30.46 -9.79
CA THR A 403 -11.14 31.40 -10.50
C THR A 403 -11.49 32.65 -9.72
N PRO A 404 -11.95 33.69 -10.41
CA PRO A 404 -12.37 34.92 -9.78
C PRO A 404 -13.54 34.70 -8.83
N ARG A 405 -14.54 33.91 -9.29
CA ARG A 405 -15.69 33.68 -8.42
C ARG A 405 -15.84 32.22 -8.02
N LEU A 406 -16.47 32.01 -6.88
CA LEU A 406 -16.57 30.67 -6.34
C LEU A 406 -18.04 30.28 -6.38
N ARG A 407 -18.37 29.10 -6.87
CA ARG A 407 -19.74 28.62 -6.86
C ARG A 407 -19.69 27.32 -6.06
N THR A 408 -20.37 27.20 -4.94
CA THR A 408 -20.24 25.94 -4.21
C THR A 408 -21.46 25.79 -3.33
N THR A 409 -21.65 24.51 -2.95
CA THR A 409 -22.81 24.26 -2.10
C THR A 409 -22.29 23.77 -0.76
N VAL A 410 -22.83 24.29 0.32
CA VAL A 410 -22.45 23.87 1.66
C VAL A 410 -23.62 23.06 2.19
N GLY A 411 -23.41 21.79 2.52
CA GLY A 411 -24.49 21.01 3.15
C GLY A 411 -24.45 21.20 4.66
N VAL A 412 -25.59 21.46 5.32
CA VAL A 412 -25.59 21.76 6.74
C VAL A 412 -26.51 20.89 7.58
N ASP A 413 -26.15 20.63 8.84
CA ASP A 413 -27.03 19.91 9.75
C ASP A 413 -26.75 20.41 11.17
N GLY A 414 -27.51 19.98 12.16
CA GLY A 414 -27.31 20.44 13.51
C GLY A 414 -28.57 21.04 14.12
N SER A 415 -28.87 20.72 15.38
CA SER A 415 -30.10 21.24 15.93
C SER A 415 -30.23 22.74 15.93
N LEU A 416 -29.11 23.36 16.29
CA LEU A 416 -29.09 24.81 16.45
C LEU A 416 -29.47 25.48 15.16
N TYR A 417 -28.82 25.09 14.08
CA TYR A 417 -29.04 25.69 12.77
C TYR A 417 -30.45 25.38 12.27
N LYS A 418 -30.94 24.17 12.56
CA LYS A 418 -32.27 23.80 12.12
C LYS A 418 -33.42 24.38 12.94
N THR A 419 -33.30 24.57 14.24
CA THR A 419 -34.39 25.05 15.07
C THR A 419 -34.38 26.48 15.56
N HIS A 420 -33.26 27.17 15.63
CA HIS A 420 -33.30 28.58 16.09
C HIS A 420 -34.04 29.38 15.04
N PRO A 421 -34.94 30.27 15.43
CA PRO A 421 -35.75 31.06 14.53
C PRO A 421 -34.97 32.09 13.74
N GLN A 422 -33.77 32.49 14.18
CA GLN A 422 -33.04 33.53 13.48
C GLN A 422 -31.64 33.15 13.02
N TYR A 423 -31.06 32.16 13.70
CA TYR A 423 -29.67 31.84 13.42
C TYR A 423 -29.27 31.63 11.99
N SER A 424 -29.82 30.66 11.27
CA SER A 424 -29.37 30.39 9.91
C SER A 424 -29.45 31.61 9.00
N ARG A 425 -30.53 32.39 9.15
CA ARG A 425 -30.64 33.63 8.37
C ARG A 425 -29.42 34.55 8.62
N ARG A 426 -29.12 34.79 9.92
CA ARG A 426 -28.03 35.70 10.23
C ARG A 426 -26.69 35.17 9.78
N PHE A 427 -26.47 33.88 10.02
CA PHE A 427 -25.25 33.21 9.57
C PHE A 427 -25.05 33.34 8.06
N HIS A 428 -26.07 32.96 7.26
CA HIS A 428 -25.92 33.11 5.83
C HIS A 428 -25.57 34.55 5.42
N LYS A 429 -26.27 35.54 5.98
CA LYS A 429 -26.05 36.92 5.62
C LYS A 429 -24.61 37.33 5.82
N THR A 430 -24.16 37.13 7.07
CA THR A 430 -22.79 37.50 7.40
C THR A 430 -21.80 36.75 6.51
N LEU A 431 -22.00 35.45 6.29
CA LEU A 431 -21.12 34.69 5.45
C LEU A 431 -21.00 35.27 4.05
N ARG A 432 -22.15 35.52 3.43
CA ARG A 432 -22.13 36.11 2.09
C ARG A 432 -21.49 37.49 2.10
N ARG A 433 -21.67 38.31 3.15
CA ARG A 433 -20.99 39.60 3.22
C ARG A 433 -19.48 39.36 3.32
N LEU A 434 -19.02 38.39 4.07
CA LEU A 434 -17.59 38.24 4.28
C LEU A 434 -16.86 37.65 3.10
N VAL A 435 -17.59 36.94 2.26
CA VAL A 435 -17.01 36.33 1.05
C VAL A 435 -17.83 36.78 -0.13
N PRO A 436 -17.64 38.03 -0.54
CA PRO A 436 -18.44 38.63 -1.61
C PRO A 436 -18.12 38.07 -2.96
N ASP A 437 -16.99 37.40 -3.12
CA ASP A 437 -16.63 36.76 -4.38
C ASP A 437 -17.26 35.40 -4.60
N SER A 438 -17.99 34.85 -3.63
CA SER A 438 -18.59 33.54 -3.76
C SER A 438 -20.11 33.53 -3.97
N ASP A 439 -20.57 32.59 -4.78
CA ASP A 439 -21.99 32.36 -4.98
C ASP A 439 -22.25 31.05 -4.22
N VAL A 440 -22.72 31.20 -2.97
CA VAL A 440 -22.87 30.04 -2.11
C VAL A 440 -24.30 29.65 -1.85
N ARG A 441 -24.58 28.37 -1.98
CA ARG A 441 -25.88 27.79 -1.70
C ARG A 441 -25.79 27.02 -0.39
N PHE A 442 -26.77 27.18 0.47
CA PHE A 442 -26.79 26.39 1.68
C PHE A 442 -27.91 25.37 1.54
N LEU A 443 -27.63 24.12 1.64
CA LEU A 443 -28.63 23.06 1.50
C LEU A 443 -28.77 22.30 2.81
N LEU A 444 -29.96 22.33 3.37
CA LEU A 444 -30.12 21.65 4.68
C LEU A 444 -30.15 20.17 4.37
N SER A 445 -29.48 19.44 5.22
CA SER A 445 -29.43 17.99 5.18
C SER A 445 -30.64 17.48 5.96
N GLU A 446 -31.76 17.29 5.26
CA GLU A 446 -32.98 16.83 5.94
C GLU A 446 -33.04 15.36 6.31
N SER A 447 -32.25 14.54 5.63
CA SER A 447 -32.21 13.13 5.96
C SER A 447 -31.18 12.74 7.03
N GLY A 448 -30.31 13.63 7.48
CA GLY A 448 -29.34 13.24 8.49
C GLY A 448 -28.12 12.61 7.81
N SER A 449 -27.05 12.39 8.60
CA SER A 449 -25.80 11.86 8.15
C SER A 449 -25.85 10.46 7.55
N GLY A 450 -26.79 9.64 7.96
CA GLY A 450 -26.94 8.28 7.51
C GLY A 450 -26.98 8.06 6.02
N LYS A 451 -27.71 8.91 5.31
CA LYS A 451 -27.81 8.75 3.86
C LYS A 451 -26.42 8.84 3.27
N GLY A 452 -25.70 9.87 3.74
CA GLY A 452 -24.35 10.20 3.31
C GLY A 452 -23.39 9.07 3.66
N ALA A 453 -23.49 8.62 4.91
CA ALA A 453 -22.70 7.49 5.37
C ALA A 453 -22.88 6.29 4.46
N ALA A 454 -24.13 6.00 4.10
CA ALA A 454 -24.45 4.90 3.22
C ALA A 454 -23.74 5.01 1.86
N MET A 455 -23.64 6.23 1.34
CA MET A 455 -22.98 6.41 0.06
C MET A 455 -21.51 6.06 0.18
N VAL A 456 -20.83 6.43 1.24
CA VAL A 456 -19.45 6.11 1.55
C VAL A 456 -19.35 4.60 1.71
N THR A 457 -20.27 4.05 2.50
CA THR A 457 -20.32 2.62 2.76
C THR A 457 -20.39 1.80 1.47
N ALA A 458 -21.31 2.12 0.57
CA ALA A 458 -21.40 1.49 -0.72
C ALA A 458 -20.04 1.46 -1.41
N VAL A 459 -19.31 2.57 -1.50
CA VAL A 459 -18.03 2.61 -2.18
C VAL A 459 -17.00 1.81 -1.41
N ALA A 460 -16.92 1.99 -0.10
CA ALA A 460 -16.03 1.21 0.74
C ALA A 460 -16.24 -0.29 0.57
N TYR A 461 -17.48 -0.72 0.57
CA TYR A 461 -17.79 -2.13 0.42
C TYR A 461 -17.31 -2.65 -0.92
N ARG A 462 -17.57 -1.93 -1.99
CA ARG A 462 -17.10 -2.36 -3.30
C ARG A 462 -15.60 -2.57 -3.35
N LEU A 463 -14.85 -1.64 -2.74
CA LEU A 463 -13.40 -1.70 -2.72
C LEU A 463 -12.93 -2.81 -1.81
N ALA A 464 -13.58 -3.04 -0.69
CA ALA A 464 -13.18 -4.10 0.21
C ALA A 464 -13.32 -5.48 -0.43
N GLU A 465 -14.31 -5.62 -1.29
CA GLU A 465 -14.55 -6.87 -2.00
C GLU A 465 -13.45 -7.06 -3.04
N GLN A 466 -13.04 -6.05 -3.78
CA GLN A 466 -11.93 -6.11 -4.72
C GLN A 466 -10.63 -6.43 -3.99
N HIS A 467 -10.34 -5.81 -2.85
CA HIS A 467 -9.11 -6.07 -2.11
C HIS A 467 -9.06 -7.52 -1.64
N ARG A 468 -10.22 -8.01 -1.19
CA ARG A 468 -10.31 -9.37 -0.66
C ARG A 468 -9.91 -10.40 -1.72
N GLN A 469 -10.44 -10.22 -2.93
CA GLN A 469 -10.11 -11.10 -4.04
C GLN A 469 -8.65 -10.95 -4.45
N ILE A 470 -8.13 -9.74 -4.56
CA ILE A 470 -6.72 -9.57 -4.92
C ILE A 470 -5.82 -10.29 -3.91
N GLU A 471 -6.09 -10.05 -2.62
CA GLU A 471 -5.32 -10.72 -1.59
C GLU A 471 -5.41 -12.23 -1.75
N GLU A 472 -6.60 -12.80 -1.84
CA GLU A 472 -6.73 -14.25 -2.00
C GLU A 472 -5.90 -14.75 -3.18
N THR A 473 -5.92 -14.13 -4.35
CA THR A 473 -5.02 -14.48 -5.43
C THR A 473 -3.56 -14.41 -5.00
N LEU A 474 -3.08 -13.25 -4.54
CA LEU A 474 -1.67 -13.11 -4.20
C LEU A 474 -1.29 -14.01 -3.05
N ALA A 475 -2.17 -14.44 -2.16
CA ALA A 475 -1.77 -15.29 -1.05
C ALA A 475 -1.21 -16.62 -1.53
N HIS A 476 -1.56 -17.08 -2.71
CA HIS A 476 -1.09 -18.34 -3.25
C HIS A 476 0.41 -18.25 -3.47
N PHE A 477 0.97 -17.06 -3.68
CA PHE A 477 2.41 -16.92 -3.88
C PHE A 477 3.20 -16.77 -2.59
N HIS A 478 2.58 -16.54 -1.46
CA HIS A 478 3.23 -16.39 -0.17
C HIS A 478 3.76 -17.73 0.31
N LEU A 479 5.02 -17.74 0.74
CA LEU A 479 5.59 -19.00 1.24
C LEU A 479 5.99 -18.82 2.67
N THR A 480 5.51 -19.60 3.62
CA THR A 480 5.89 -19.43 5.00
C THR A 480 7.28 -20.02 5.17
N LYS A 481 7.92 -19.72 6.28
CA LYS A 481 9.20 -20.28 6.63
C LYS A 481 9.10 -21.80 6.59
N ASP A 482 8.10 -22.40 7.21
CA ASP A 482 7.97 -23.83 7.24
C ASP A 482 7.87 -24.43 5.84
N MET A 483 7.19 -23.70 4.96
CA MET A 483 7.03 -24.17 3.59
C MET A 483 8.40 -24.14 2.92
N LEU A 484 9.12 -23.03 3.12
CA LEU A 484 10.46 -22.89 2.59
C LEU A 484 11.40 -23.97 3.13
N LEU A 485 11.28 -24.28 4.42
CA LEU A 485 12.11 -25.37 4.96
C LEU A 485 11.78 -26.67 4.26
N GLU A 486 10.51 -26.85 3.86
CA GLU A 486 10.10 -28.06 3.14
C GLU A 486 10.61 -28.09 1.71
N VAL A 487 10.66 -26.95 1.07
CA VAL A 487 11.24 -26.90 -0.29
C VAL A 487 12.70 -27.29 -0.18
N LYS A 488 13.37 -26.74 0.86
CA LYS A 488 14.78 -26.99 1.14
C LYS A 488 14.98 -28.50 1.29
N LYS A 489 14.15 -29.09 2.12
CA LYS A 489 14.22 -30.54 2.35
C LYS A 489 14.04 -31.36 1.07
N ARG A 490 13.08 -31.02 0.24
CA ARG A 490 12.85 -31.67 -1.03
C ARG A 490 14.02 -31.49 -1.98
N MET A 491 14.61 -30.28 -2.08
CA MET A 491 15.80 -30.10 -2.93
C MET A 491 16.94 -31.02 -2.49
N ARG A 492 17.13 -31.16 -1.16
CA ARG A 492 18.18 -32.02 -0.64
C ARG A 492 17.89 -33.45 -1.08
N ALA A 493 16.61 -33.81 -0.93
CA ALA A 493 16.23 -35.17 -1.30
C ALA A 493 16.51 -35.48 -2.77
N GLU A 494 16.12 -34.55 -3.64
CA GLU A 494 16.42 -34.72 -5.04
C GLU A 494 17.92 -34.69 -5.32
N MET A 495 18.72 -33.95 -4.52
CA MET A 495 20.16 -33.97 -4.76
C MET A 495 20.62 -35.41 -4.52
N GLU A 496 20.15 -36.01 -3.42
CA GLU A 496 20.64 -37.36 -3.12
C GLU A 496 20.24 -38.29 -4.26
N LEU A 497 19.01 -38.23 -4.74
CA LEU A 497 18.57 -39.09 -5.82
C LEU A 497 19.45 -38.99 -7.06
N GLY A 498 19.82 -37.77 -7.45
CA GLY A 498 20.64 -37.65 -8.66
C GLY A 498 22.06 -38.14 -8.45
N LEU A 499 22.62 -38.01 -7.25
CA LEU A 499 24.01 -38.45 -7.08
C LEU A 499 24.21 -39.96 -7.01
N ARG A 500 23.20 -40.68 -6.54
CA ARG A 500 23.25 -42.11 -6.38
C ARG A 500 22.99 -42.91 -7.65
N LYS A 501 23.81 -43.93 -7.83
CA LYS A 501 23.77 -44.77 -9.01
C LYS A 501 22.41 -45.41 -9.24
N GLN A 502 21.93 -46.02 -8.17
CA GLN A 502 20.67 -46.71 -8.16
C GLN A 502 19.60 -45.79 -8.74
N THR A 503 19.51 -44.59 -8.19
CA THR A 503 18.40 -43.71 -8.56
C THR A 503 18.66 -42.60 -9.56
N HIS A 504 19.91 -42.41 -9.98
CA HIS A 504 20.26 -41.34 -10.87
C HIS A 504 19.44 -41.26 -12.14
N ASN A 505 19.15 -42.36 -12.81
CA ASN A 505 18.46 -42.31 -14.09
C ASN A 505 17.05 -41.77 -13.99
N ASN A 506 16.32 -41.91 -12.89
CA ASN A 506 14.97 -41.36 -12.92
C ASN A 506 14.85 -40.14 -12.04
N ALA A 507 15.97 -39.61 -11.56
CA ALA A 507 16.01 -38.41 -10.74
C ALA A 507 15.81 -37.17 -11.61
N VAL A 508 14.95 -36.23 -11.21
CA VAL A 508 14.74 -35.05 -12.01
C VAL A 508 15.87 -34.03 -11.84
N VAL A 509 16.60 -34.02 -10.73
CA VAL A 509 17.72 -33.07 -10.60
C VAL A 509 18.91 -33.94 -10.91
N LYS A 510 19.44 -33.91 -12.13
CA LYS A 510 20.50 -34.81 -12.59
C LYS A 510 21.85 -34.77 -11.87
N MET A 511 22.29 -33.70 -11.26
CA MET A 511 23.55 -33.80 -10.51
C MET A 511 24.70 -34.27 -11.40
N LEU A 512 24.92 -33.53 -12.50
CA LEU A 512 25.89 -33.89 -13.50
C LEU A 512 27.33 -33.55 -13.25
N PRO A 513 28.22 -34.54 -13.35
CA PRO A 513 29.63 -34.33 -13.18
C PRO A 513 30.10 -33.38 -14.28
N SER A 514 31.02 -32.50 -13.86
CA SER A 514 31.57 -31.50 -14.78
C SER A 514 32.97 -31.87 -15.18
N PHE A 515 33.56 -32.76 -14.41
CA PHE A 515 34.94 -33.15 -14.63
C PHE A 515 35.91 -32.04 -14.26
N VAL A 516 35.46 -31.05 -13.51
CA VAL A 516 36.33 -30.01 -12.95
C VAL A 516 36.56 -30.47 -11.51
N ARG A 517 37.75 -30.93 -11.15
CA ARG A 517 37.97 -31.47 -9.81
C ARG A 517 38.51 -30.51 -8.77
N ARG A 518 38.97 -29.32 -9.06
CA ARG A 518 39.47 -28.40 -8.05
C ARG A 518 39.26 -26.96 -8.50
N THR A 519 39.27 -26.08 -7.51
CA THR A 519 39.21 -24.64 -7.81
C THR A 519 40.62 -24.22 -8.22
N PRO A 520 40.80 -23.02 -8.73
CA PRO A 520 42.06 -22.50 -9.25
C PRO A 520 43.18 -22.65 -8.24
N ASP A 521 44.35 -23.18 -8.56
CA ASP A 521 45.41 -23.31 -7.55
C ASP A 521 46.44 -22.19 -7.59
N GLY A 522 46.28 -21.30 -8.55
CA GLY A 522 47.16 -20.13 -8.64
C GLY A 522 48.30 -20.32 -9.63
N THR A 523 48.43 -21.51 -10.24
CA THR A 523 49.48 -21.73 -11.21
C THR A 523 49.05 -21.58 -12.65
N GLU A 524 47.76 -21.49 -12.94
CA GLU A 524 47.24 -21.39 -14.29
C GLU A 524 47.81 -20.20 -15.04
N ASN A 525 48.12 -20.32 -16.30
CA ASN A 525 48.65 -19.19 -17.07
C ASN A 525 48.63 -19.64 -18.53
N GLY A 526 48.41 -18.67 -19.41
CA GLY A 526 48.36 -19.04 -20.84
C GLY A 526 47.46 -18.04 -21.56
N ASP A 527 47.25 -18.22 -22.83
CA ASP A 527 46.29 -17.42 -23.56
C ASP A 527 45.23 -18.41 -24.04
N PHE A 528 43.97 -18.07 -23.75
CA PHE A 528 42.89 -18.97 -24.14
C PHE A 528 41.79 -18.24 -24.87
N LEU A 529 41.04 -18.94 -25.69
CA LEU A 529 39.84 -18.51 -26.33
C LEU A 529 38.73 -19.18 -25.53
N ALA A 530 37.55 -18.55 -25.52
CA ALA A 530 36.38 -19.15 -24.87
C ALA A 530 35.09 -18.68 -25.58
N LEU A 531 34.05 -19.50 -25.49
CA LEU A 531 32.75 -19.18 -26.08
C LEU A 531 31.78 -19.14 -24.87
N ASP A 532 30.75 -18.31 -25.01
CA ASP A 532 29.80 -18.15 -23.90
C ASP A 532 28.44 -18.22 -24.59
N LEU A 533 27.80 -19.38 -24.60
CA LEU A 533 26.54 -19.58 -25.29
C LEU A 533 25.40 -20.13 -24.45
N GLY A 534 24.22 -19.47 -24.51
CA GLY A 534 23.10 -19.93 -23.71
C GLY A 534 22.43 -18.85 -22.88
N GLY A 535 23.13 -17.78 -22.50
CA GLY A 535 22.53 -16.71 -21.72
C GLY A 535 21.92 -15.69 -22.67
N ALA A 536 21.86 -14.42 -22.21
CA ALA A 536 21.29 -13.39 -23.09
C ALA A 536 22.20 -13.14 -24.28
N ASN A 537 23.50 -12.99 -24.07
CA ASN A 537 24.45 -12.72 -25.13
C ASN A 537 25.39 -13.85 -25.49
N PHE A 538 25.47 -14.18 -26.79
CA PHE A 538 26.48 -15.16 -27.22
C PHE A 538 27.79 -14.39 -27.33
N ARG A 539 28.87 -14.88 -26.73
CA ARG A 539 30.12 -14.15 -26.84
C ARG A 539 31.28 -15.09 -27.20
N VAL A 540 32.29 -14.42 -27.77
CA VAL A 540 33.55 -15.08 -28.08
C VAL A 540 34.55 -14.25 -27.28
N LEU A 541 35.43 -14.87 -26.53
CA LEU A 541 36.43 -14.15 -25.74
C LEU A 541 37.86 -14.59 -25.95
N LEU A 542 38.80 -13.73 -25.61
CA LEU A 542 40.24 -14.00 -25.61
C LEU A 542 40.69 -13.74 -24.17
N VAL A 543 41.17 -14.72 -23.43
CA VAL A 543 41.52 -14.46 -22.04
C VAL A 543 42.99 -14.76 -21.80
N LYS A 544 43.74 -13.80 -21.26
CA LYS A 544 45.14 -14.01 -20.96
C LYS A 544 45.34 -14.07 -19.44
N ILE A 545 45.87 -15.21 -19.00
CA ILE A 545 46.14 -15.33 -17.58
C ILE A 545 47.65 -15.49 -17.33
N ARG A 546 48.13 -14.74 -16.35
CA ARG A 546 49.54 -14.78 -15.97
C ARG A 546 49.68 -14.91 -14.45
N SER A 547 50.39 -15.92 -14.01
CA SER A 547 50.60 -16.11 -12.57
C SER A 547 52.00 -15.62 -12.13
N GLY A 548 52.31 -15.85 -10.85
CA GLY A 548 53.60 -15.44 -10.33
C GLY A 548 53.54 -14.25 -9.39
N LYS A 549 54.56 -13.37 -9.47
CA LYS A 549 54.65 -12.25 -8.53
C LYS A 549 53.30 -11.54 -8.42
N LYS A 550 52.86 -10.94 -9.54
CA LYS A 550 51.57 -10.26 -9.50
C LYS A 550 50.71 -10.85 -10.60
N ARG A 551 49.81 -11.75 -10.21
CA ARG A 551 48.97 -12.42 -11.18
C ARG A 551 48.12 -11.42 -11.93
N THR A 552 47.81 -11.69 -13.19
CA THR A 552 46.94 -10.80 -13.95
C THR A 552 46.04 -11.66 -14.84
N VAL A 553 44.91 -11.10 -15.22
CA VAL A 553 43.97 -11.70 -16.14
C VAL A 553 43.62 -10.56 -17.09
N GLU A 554 43.69 -10.83 -18.40
CA GLU A 554 43.33 -9.77 -19.36
C GLU A 554 42.28 -10.33 -20.29
N MET A 555 41.11 -9.72 -20.41
CA MET A 555 40.06 -10.30 -21.22
C MET A 555 39.50 -9.36 -22.26
N HIS A 556 39.14 -9.93 -23.42
CA HIS A 556 38.55 -9.20 -24.52
C HIS A 556 37.39 -10.06 -25.02
N ASN A 557 36.31 -9.44 -25.50
CA ASN A 557 35.17 -10.23 -25.99
C ASN A 557 34.42 -9.42 -27.04
N LYS A 558 33.52 -10.09 -27.74
CA LYS A 558 32.63 -9.45 -28.70
C LYS A 558 31.32 -10.21 -28.58
N ILE A 559 30.21 -9.50 -28.51
CA ILE A 559 28.91 -10.16 -28.46
C ILE A 559 28.43 -10.39 -29.90
N TYR A 560 27.81 -11.54 -30.16
CA TYR A 560 27.26 -11.85 -31.47
C TYR A 560 25.77 -12.14 -31.31
N ALA A 561 24.94 -11.68 -32.27
CA ALA A 561 23.52 -12.00 -32.12
C ALA A 561 23.25 -13.41 -32.63
N ILE A 562 22.29 -14.09 -32.01
CA ILE A 562 21.86 -15.38 -32.56
C ILE A 562 20.34 -15.25 -32.78
N PRO A 563 19.96 -15.00 -34.03
CA PRO A 563 18.53 -14.87 -34.33
C PRO A 563 17.81 -16.13 -33.90
N ILE A 564 16.56 -15.98 -33.50
CA ILE A 564 15.76 -17.14 -33.03
C ILE A 564 15.63 -18.24 -34.06
N GLU A 565 15.69 -17.92 -35.34
CA GLU A 565 15.63 -18.94 -36.39
C GLU A 565 16.87 -19.82 -36.34
N ILE A 566 18.02 -19.30 -35.92
CA ILE A 566 19.20 -20.17 -35.83
C ILE A 566 19.21 -20.86 -34.48
N MET A 567 18.66 -20.23 -33.45
CA MET A 567 18.53 -20.90 -32.16
C MET A 567 17.57 -22.09 -32.23
N GLN A 568 16.62 -21.98 -33.16
CA GLN A 568 15.61 -23.04 -33.32
C GLN A 568 15.68 -23.65 -34.71
N GLY A 569 16.77 -23.59 -35.47
CA GLY A 569 16.91 -24.21 -36.78
C GLY A 569 17.63 -25.55 -36.77
N THR A 570 18.68 -25.78 -37.57
CA THR A 570 19.32 -27.10 -37.49
C THR A 570 20.64 -26.98 -36.72
N GLY A 571 21.11 -28.06 -36.10
CA GLY A 571 22.39 -28.02 -35.41
C GLY A 571 23.54 -27.60 -36.34
N GLU A 572 23.52 -28.05 -37.59
CA GLU A 572 24.53 -27.63 -38.56
C GLU A 572 24.54 -26.12 -38.72
N GLU A 573 23.35 -25.52 -38.84
CA GLU A 573 23.26 -24.06 -38.94
C GLU A 573 23.71 -23.27 -37.71
N LEU A 574 23.35 -23.80 -36.54
CA LEU A 574 23.74 -23.17 -35.30
C LEU A 574 25.25 -23.20 -35.14
N PHE A 575 25.86 -24.38 -35.36
CA PHE A 575 27.33 -24.43 -35.20
C PHE A 575 28.10 -23.68 -36.26
N ASP A 576 27.54 -23.61 -37.46
CA ASP A 576 28.19 -22.85 -38.54
C ASP A 576 28.19 -21.38 -38.15
N HIS A 577 27.07 -20.96 -37.56
CA HIS A 577 26.97 -19.59 -37.07
C HIS A 577 28.02 -19.34 -36.00
N ILE A 578 28.13 -20.26 -35.04
CA ILE A 578 29.11 -20.08 -33.96
C ILE A 578 30.50 -19.97 -34.59
N VAL A 579 30.81 -20.91 -35.51
CA VAL A 579 32.13 -20.86 -36.17
C VAL A 579 32.32 -19.56 -36.94
N SER A 580 31.30 -19.02 -37.60
CA SER A 580 31.44 -17.76 -38.32
C SER A 580 31.82 -16.64 -37.37
N CYS A 581 31.17 -16.60 -36.19
CA CYS A 581 31.48 -15.57 -35.20
C CYS A 581 32.90 -15.75 -34.67
N ILE A 582 33.38 -17.00 -34.49
CA ILE A 582 34.76 -17.16 -34.04
C ILE A 582 35.67 -16.56 -35.09
N SER A 583 35.39 -16.91 -36.36
CA SER A 583 36.23 -16.37 -37.43
C SER A 583 36.35 -14.86 -37.32
N ASP A 584 35.22 -14.19 -37.20
CA ASP A 584 35.18 -12.75 -37.05
C ASP A 584 36.03 -12.29 -35.89
N PHE A 585 35.79 -12.90 -34.72
CA PHE A 585 36.52 -12.46 -33.52
C PHE A 585 38.03 -12.62 -33.71
N LEU A 586 38.49 -13.71 -34.35
CA LEU A 586 39.92 -13.88 -34.58
C LEU A 586 40.46 -12.71 -35.40
N ASP A 587 39.68 -12.25 -36.40
CA ASP A 587 40.11 -11.12 -37.21
C ASP A 587 40.07 -9.83 -36.40
N TYR A 588 39.01 -9.69 -35.59
CA TYR A 588 38.83 -8.53 -34.74
C TYR A 588 40.02 -8.41 -33.77
N MET A 589 40.47 -9.52 -33.17
CA MET A 589 41.58 -9.43 -32.24
C MET A 589 42.95 -9.55 -32.89
N GLY A 590 43.03 -9.85 -34.19
CA GLY A 590 44.34 -10.03 -34.82
C GLY A 590 45.08 -11.26 -34.35
N ILE A 591 44.31 -12.30 -34.13
CA ILE A 591 44.88 -13.55 -33.63
C ILE A 591 45.32 -14.36 -34.84
N LYS A 592 46.59 -14.70 -34.86
CA LYS A 592 47.23 -15.51 -35.88
C LYS A 592 48.16 -16.46 -35.12
N GLY A 593 48.78 -17.42 -35.80
CA GLY A 593 49.72 -18.31 -35.12
C GLY A 593 49.04 -19.65 -34.85
N PRO A 594 49.79 -20.50 -34.16
CA PRO A 594 49.34 -21.85 -33.89
C PRO A 594 47.97 -21.90 -33.22
N ARG A 595 47.28 -23.02 -33.41
CA ARG A 595 45.91 -23.18 -32.89
C ARG A 595 45.93 -23.04 -31.37
N MET A 596 44.94 -22.28 -30.87
CA MET A 596 44.83 -22.01 -29.44
C MET A 596 43.79 -22.91 -28.75
N PRO A 597 44.05 -23.12 -27.46
CA PRO A 597 43.13 -23.89 -26.63
C PRO A 597 41.82 -23.14 -26.46
N LEU A 598 40.67 -23.81 -26.43
CA LEU A 598 39.40 -23.10 -26.27
C LEU A 598 38.50 -23.76 -25.23
N GLY A 599 37.83 -22.93 -24.45
CA GLY A 599 36.89 -23.51 -23.48
C GLY A 599 35.49 -23.08 -23.91
N PHE A 600 34.61 -24.06 -24.03
CA PHE A 600 33.25 -23.77 -24.43
C PHE A 600 32.26 -23.77 -23.27
N THR A 601 31.76 -22.61 -22.88
CA THR A 601 30.71 -22.50 -21.88
C THR A 601 29.43 -22.68 -22.70
N PHE A 602 28.71 -23.73 -22.47
CA PHE A 602 27.45 -24.04 -23.18
C PHE A 602 26.47 -24.27 -22.04
N SER A 603 25.52 -23.34 -21.85
CA SER A 603 24.68 -23.43 -20.65
C SER A 603 23.41 -24.23 -20.75
N PHE A 604 23.54 -25.53 -21.04
CA PHE A 604 22.42 -26.46 -21.20
C PHE A 604 22.90 -27.75 -20.55
N PRO A 605 22.04 -28.62 -20.08
CA PRO A 605 22.43 -29.87 -19.48
C PRO A 605 23.16 -30.81 -20.42
N CYS A 606 24.38 -31.21 -19.98
CA CYS A 606 25.14 -32.17 -20.78
C CYS A 606 25.63 -33.35 -19.95
N GLN A 607 25.61 -34.53 -20.49
CA GLN A 607 26.14 -35.70 -19.80
C GLN A 607 27.59 -35.79 -20.28
N GLN A 608 28.54 -35.48 -19.39
CA GLN A 608 29.91 -35.54 -19.81
C GLN A 608 30.61 -36.84 -19.42
N THR A 609 31.54 -37.29 -20.28
CA THR A 609 32.31 -38.49 -19.90
C THR A 609 33.73 -38.01 -19.54
N SER A 610 34.00 -36.74 -19.80
CA SER A 610 35.29 -36.15 -19.58
C SER A 610 35.14 -34.65 -19.74
N LEU A 611 36.18 -33.87 -19.44
CA LEU A 611 36.08 -32.42 -19.57
C LEU A 611 35.69 -31.99 -21.00
N ASP A 612 36.19 -32.73 -22.00
CA ASP A 612 36.04 -32.25 -23.36
C ASP A 612 34.97 -32.95 -24.16
N ALA A 613 34.07 -33.65 -23.50
CA ALA A 613 32.99 -34.38 -24.16
C ALA A 613 31.69 -34.08 -23.42
N GLY A 614 30.60 -33.79 -24.12
CA GLY A 614 29.38 -33.46 -23.38
C GLY A 614 28.20 -33.70 -24.30
N ILE A 615 27.40 -34.71 -23.99
CA ILE A 615 26.23 -35.01 -24.81
C ILE A 615 25.02 -34.22 -24.35
N LEU A 616 24.39 -33.48 -25.25
CA LEU A 616 23.27 -32.61 -24.89
C LEU A 616 22.08 -33.48 -24.49
N ILE A 617 21.58 -33.30 -23.27
CA ILE A 617 20.51 -34.13 -22.75
C ILE A 617 19.11 -33.72 -23.18
N THR A 618 18.90 -32.43 -23.25
CA THR A 618 17.66 -31.80 -23.68
C THR A 618 17.91 -30.32 -23.90
N TRP A 619 17.14 -29.60 -24.67
CA TRP A 619 17.27 -28.16 -24.80
C TRP A 619 16.48 -27.53 -23.65
N THR A 620 16.82 -26.33 -23.21
CA THR A 620 16.08 -25.60 -22.20
C THR A 620 16.00 -24.13 -22.64
N LYS A 621 15.27 -23.28 -21.92
CA LYS A 621 15.27 -21.85 -22.29
C LYS A 621 14.73 -21.74 -23.69
N GLY A 622 15.24 -20.88 -24.58
CA GLY A 622 14.56 -20.82 -25.88
C GLY A 622 15.17 -21.60 -27.03
N PHE A 623 16.18 -22.42 -26.79
CA PHE A 623 16.85 -23.11 -27.88
C PHE A 623 16.13 -24.35 -28.35
N LYS A 624 16.09 -24.61 -29.67
CA LYS A 624 15.46 -25.85 -30.16
C LYS A 624 16.11 -26.44 -31.43
N ALA A 625 17.38 -26.10 -31.71
CA ALA A 625 18.04 -26.65 -32.89
C ALA A 625 17.96 -28.18 -32.98
N THR A 626 17.70 -28.62 -34.23
CA THR A 626 17.58 -30.06 -34.47
C THR A 626 18.89 -30.80 -34.63
N ASP A 627 18.85 -32.11 -34.38
CA ASP A 627 20.02 -32.95 -34.45
C ASP A 627 21.13 -32.45 -33.52
N CYS A 628 20.77 -32.12 -32.27
CA CYS A 628 21.76 -31.68 -31.30
C CYS A 628 21.66 -32.55 -30.06
N VAL A 629 20.39 -32.75 -29.68
CA VAL A 629 20.11 -33.57 -28.49
C VAL A 629 20.65 -34.96 -28.72
N GLY A 630 21.46 -35.52 -27.88
CA GLY A 630 21.98 -36.85 -28.05
C GLY A 630 23.29 -36.84 -28.80
N HIS A 631 23.75 -35.66 -29.21
CA HIS A 631 25.05 -35.53 -29.85
C HIS A 631 26.10 -34.95 -28.90
N ASP A 632 27.38 -35.22 -29.10
CA ASP A 632 28.45 -34.55 -28.36
C ASP A 632 28.56 -33.14 -28.92
N VAL A 633 28.35 -32.08 -28.13
CA VAL A 633 28.42 -30.72 -28.67
C VAL A 633 29.84 -30.34 -29.00
N VAL A 634 30.88 -30.98 -28.43
CA VAL A 634 32.25 -30.65 -28.84
C VAL A 634 32.45 -31.17 -30.26
N THR A 635 31.92 -32.37 -30.51
CA THR A 635 31.94 -32.94 -31.84
C THR A 635 31.20 -32.04 -32.84
N LEU A 636 30.04 -31.52 -32.39
CA LEU A 636 29.31 -30.57 -33.26
C LEU A 636 30.17 -29.37 -33.59
N LEU A 637 30.86 -28.83 -32.58
CA LEU A 637 31.69 -27.65 -32.81
C LEU A 637 32.86 -28.02 -33.73
N ARG A 638 33.50 -29.16 -33.43
CA ARG A 638 34.66 -29.64 -34.14
C ARG A 638 34.27 -29.82 -35.59
N ASP A 639 33.08 -30.37 -35.87
CA ASP A 639 32.61 -30.59 -37.23
C ASP A 639 32.44 -29.25 -37.95
N ALA A 640 31.90 -28.25 -37.27
CA ALA A 640 31.65 -26.97 -37.91
C ALA A 640 32.96 -26.23 -38.19
N ILE A 641 33.99 -26.49 -37.40
CA ILE A 641 35.30 -25.89 -37.66
C ILE A 641 35.88 -26.55 -38.91
N LYS A 642 35.85 -27.88 -39.04
CA LYS A 642 36.27 -28.58 -40.24
C LYS A 642 35.49 -28.16 -41.47
N ARG A 643 34.17 -27.88 -41.37
CA ARG A 643 33.45 -27.50 -42.57
C ARG A 643 33.98 -26.16 -43.08
N ARG A 644 34.35 -25.25 -42.17
CA ARG A 644 34.81 -23.94 -42.63
C ARG A 644 36.20 -24.02 -43.24
N GLU A 645 36.94 -25.03 -42.79
CA GLU A 645 38.29 -25.24 -43.31
C GLU A 645 39.14 -23.97 -43.33
N GLU A 646 39.20 -23.24 -42.23
CA GLU A 646 40.03 -22.04 -42.18
C GLU A 646 40.90 -22.19 -40.93
N PHE A 647 40.46 -21.64 -39.80
CA PHE A 647 41.24 -21.83 -38.58
C PHE A 647 41.06 -23.23 -38.00
N ASP A 648 41.94 -23.58 -37.08
CA ASP A 648 41.85 -24.84 -36.34
C ASP A 648 41.80 -24.38 -34.87
N LEU A 649 41.22 -25.22 -34.01
CA LEU A 649 41.11 -24.87 -32.61
C LEU A 649 41.32 -26.14 -31.80
N ASP A 650 41.72 -25.98 -30.56
CA ASP A 650 41.92 -27.10 -29.67
C ASP A 650 40.82 -26.95 -28.62
N VAL A 651 39.67 -27.60 -28.84
CA VAL A 651 38.60 -27.52 -27.85
C VAL A 651 39.01 -28.39 -26.67
N VAL A 652 39.35 -27.79 -25.56
CA VAL A 652 39.78 -28.54 -24.39
C VAL A 652 38.70 -28.82 -23.36
N ALA A 653 37.61 -28.04 -23.46
CA ALA A 653 36.57 -28.18 -22.44
C ALA A 653 35.20 -27.63 -22.78
N VAL A 654 34.20 -28.36 -22.22
CA VAL A 654 32.80 -27.91 -22.42
C VAL A 654 32.34 -27.74 -20.97
N VAL A 655 31.85 -26.56 -20.62
CA VAL A 655 31.57 -26.15 -19.27
C VAL A 655 30.21 -25.53 -19.04
N ASN A 656 29.51 -25.78 -17.95
CA ASN A 656 28.18 -25.15 -17.75
C ASN A 656 28.44 -23.74 -17.27
N ASP A 657 27.56 -22.75 -17.42
CA ASP A 657 27.84 -21.41 -16.93
C ASP A 657 27.91 -21.37 -15.42
N THR A 658 27.24 -22.25 -14.71
CA THR A 658 27.32 -22.23 -13.27
C THR A 658 28.78 -22.49 -12.84
N VAL A 659 29.37 -23.50 -13.45
CA VAL A 659 30.72 -23.97 -13.18
C VAL A 659 31.78 -22.97 -13.58
N GLY A 660 31.61 -22.35 -14.74
CA GLY A 660 32.48 -21.20 -15.10
C GLY A 660 32.35 -20.09 -14.04
N THR A 661 31.13 -19.72 -13.65
CA THR A 661 30.95 -18.65 -12.68
C THR A 661 31.65 -18.94 -11.38
N MET A 662 31.47 -20.14 -10.86
CA MET A 662 32.16 -20.55 -9.64
C MET A 662 33.67 -20.40 -9.74
N MET A 663 34.26 -20.88 -10.84
CA MET A 663 35.70 -20.82 -11.05
C MET A 663 36.12 -19.36 -11.16
N THR A 664 35.45 -18.49 -11.90
CA THR A 664 35.74 -17.05 -11.96
C THR A 664 35.81 -16.51 -10.51
N CYS A 665 34.85 -16.76 -9.64
CA CYS A 665 34.88 -16.28 -8.28
C CYS A 665 35.94 -16.97 -7.45
N ALA A 666 36.18 -18.26 -7.65
CA ALA A 666 37.18 -18.95 -6.79
C ALA A 666 38.60 -18.59 -7.16
N TYR A 667 38.86 -17.94 -8.27
CA TYR A 667 40.20 -17.45 -8.62
C TYR A 667 40.75 -16.66 -7.46
N GLU A 668 39.96 -15.80 -6.83
CA GLU A 668 40.34 -15.03 -5.68
C GLU A 668 39.86 -15.56 -4.35
N GLU A 669 38.76 -16.29 -4.26
CA GLU A 669 38.28 -16.77 -2.98
C GLU A 669 38.31 -18.27 -2.78
N PRO A 670 39.15 -18.67 -1.84
CA PRO A 670 39.34 -20.06 -1.44
C PRO A 670 38.06 -20.63 -0.87
N THR A 671 37.14 -19.79 -0.39
CA THR A 671 35.88 -20.35 0.12
C THR A 671 34.82 -20.52 -0.96
N CYS A 672 35.08 -20.05 -2.17
CA CYS A 672 34.07 -20.16 -3.22
C CYS A 672 33.96 -21.58 -3.72
N GLU A 673 32.91 -22.30 -3.37
CA GLU A 673 32.79 -23.69 -3.76
C GLU A 673 31.41 -23.93 -4.37
N VAL A 674 30.68 -22.88 -4.66
CA VAL A 674 29.35 -22.89 -5.21
C VAL A 674 29.19 -21.86 -6.32
N GLY A 675 28.44 -22.21 -7.37
CA GLY A 675 28.20 -21.26 -8.46
C GLY A 675 26.69 -21.12 -8.59
N LEU A 676 26.15 -19.95 -8.87
CA LEU A 676 24.73 -19.74 -9.03
C LEU A 676 24.43 -18.83 -10.24
N ILE A 677 23.42 -19.19 -11.05
CA ILE A 677 23.01 -18.36 -12.15
C ILE A 677 21.53 -18.01 -11.95
N VAL A 678 21.20 -16.73 -12.04
CA VAL A 678 19.81 -16.30 -11.97
C VAL A 678 19.72 -15.28 -13.11
N GLY A 679 19.56 -15.72 -14.35
CA GLY A 679 19.48 -14.85 -15.52
C GLY A 679 18.32 -15.37 -16.37
N THR A 680 18.59 -15.68 -17.64
CA THR A 680 17.52 -16.23 -18.47
C THR A 680 16.93 -17.46 -17.82
N GLY A 681 17.76 -18.34 -17.33
CA GLY A 681 17.40 -19.55 -16.63
C GLY A 681 18.10 -19.53 -15.27
N SER A 682 17.82 -20.52 -14.44
CA SER A 682 18.43 -20.55 -13.12
C SER A 682 19.03 -21.94 -12.90
N ASN A 683 20.15 -22.01 -12.21
CA ASN A 683 20.83 -23.28 -11.99
C ASN A 683 21.89 -22.98 -10.95
N ALA A 684 22.58 -23.99 -10.50
CA ALA A 684 23.61 -23.95 -9.50
C ALA A 684 24.55 -25.13 -9.64
N CYS A 685 25.76 -24.99 -9.14
CA CYS A 685 26.79 -25.99 -9.13
C CYS A 685 27.55 -25.91 -7.80
N TYR A 686 28.24 -26.97 -7.39
CA TYR A 686 28.94 -26.94 -6.13
C TYR A 686 29.92 -28.11 -6.06
N MET A 687 30.97 -27.93 -5.26
CA MET A 687 32.02 -28.96 -5.15
C MET A 687 31.53 -30.09 -4.25
N GLU A 688 31.36 -31.26 -4.82
CA GLU A 688 30.91 -32.45 -4.11
C GLU A 688 32.09 -33.37 -3.86
N GLU A 689 32.02 -34.24 -2.89
CA GLU A 689 33.08 -35.19 -2.57
C GLU A 689 32.96 -36.37 -3.54
N MET A 690 34.07 -36.86 -4.07
CA MET A 690 34.03 -37.98 -5.01
C MET A 690 33.30 -39.19 -4.47
N LYS A 691 33.37 -39.46 -3.18
CA LYS A 691 32.69 -40.61 -2.60
C LYS A 691 31.17 -40.50 -2.75
N ASN A 692 30.62 -39.32 -2.84
CA ASN A 692 29.21 -39.08 -3.04
C ASN A 692 28.81 -39.04 -4.52
N VAL A 693 29.78 -38.86 -5.41
CA VAL A 693 29.51 -38.90 -6.83
C VAL A 693 29.63 -40.34 -7.31
N GLU A 694 28.58 -41.14 -7.12
CA GLU A 694 28.56 -42.55 -7.48
C GLU A 694 28.52 -42.76 -8.98
N MET A 695 28.08 -41.81 -9.80
CA MET A 695 28.12 -42.05 -11.25
C MET A 695 29.51 -41.90 -11.85
N VAL A 696 30.50 -41.52 -11.08
CA VAL A 696 31.87 -41.36 -11.56
C VAL A 696 32.79 -42.22 -10.69
N GLU A 697 33.56 -43.07 -11.36
CA GLU A 697 34.46 -43.97 -10.63
C GLU A 697 35.55 -43.19 -9.92
N GLY A 698 35.88 -43.58 -8.70
CA GLY A 698 36.90 -42.91 -7.91
C GLY A 698 36.31 -42.38 -6.61
N ASP A 699 36.98 -42.43 -5.46
CA ASP A 699 36.45 -41.92 -4.21
C ASP A 699 37.37 -40.85 -3.62
N GLN A 700 38.27 -40.35 -4.45
CA GLN A 700 39.29 -39.41 -4.04
C GLN A 700 39.07 -38.01 -4.57
N GLY A 701 39.16 -37.05 -3.66
CA GLY A 701 39.02 -35.65 -4.00
C GLY A 701 37.58 -35.22 -4.20
N GLN A 702 37.42 -34.13 -4.94
CA GLN A 702 36.09 -33.59 -5.20
C GLN A 702 35.79 -33.49 -6.68
N MET A 703 34.54 -33.16 -6.99
CA MET A 703 34.14 -32.90 -8.37
C MET A 703 33.01 -31.87 -8.41
N CYS A 704 33.13 -30.86 -9.26
CA CYS A 704 32.10 -29.83 -9.35
C CYS A 704 30.91 -30.51 -10.03
N ILE A 705 29.74 -30.41 -9.45
CA ILE A 705 28.50 -31.01 -9.93
C ILE A 705 27.56 -29.95 -10.47
N ASN A 706 27.09 -30.15 -11.70
CA ASN A 706 26.23 -29.18 -12.35
C ASN A 706 24.84 -29.68 -12.00
N MET A 707 24.16 -29.12 -11.03
CA MET A 707 22.90 -29.67 -10.57
C MET A 707 21.84 -29.81 -11.63
N GLU A 708 21.67 -28.77 -12.44
CA GLU A 708 20.58 -28.65 -13.40
C GLU A 708 19.34 -28.60 -12.53
N TRP A 709 19.35 -27.68 -11.57
CA TRP A 709 18.27 -27.61 -10.58
C TRP A 709 16.99 -27.08 -11.19
N GLY A 710 17.10 -26.54 -12.41
CA GLY A 710 15.94 -26.00 -13.09
C GLY A 710 14.78 -26.96 -13.10
N ALA A 711 15.07 -28.21 -13.29
CA ALA A 711 14.15 -29.32 -13.45
C ALA A 711 13.52 -29.77 -12.16
N PHE A 712 13.93 -29.24 -11.02
CA PHE A 712 13.30 -29.60 -9.74
C PHE A 712 11.80 -29.43 -9.92
N GLY A 713 10.91 -30.25 -9.41
CA GLY A 713 9.50 -30.13 -9.65
C GLY A 713 9.02 -30.80 -10.93
N ASP A 714 9.85 -31.25 -11.87
CA ASP A 714 9.35 -31.86 -13.09
C ASP A 714 8.67 -33.18 -12.81
N ASN A 715 8.87 -33.77 -11.64
CA ASN A 715 8.23 -34.97 -11.19
C ASN A 715 7.02 -34.70 -10.30
N GLY A 716 6.58 -33.46 -10.21
CA GLY A 716 5.44 -33.04 -9.43
C GLY A 716 5.74 -32.64 -8.03
N CYS A 717 7.00 -32.70 -7.58
CA CYS A 717 7.36 -32.41 -6.20
C CYS A 717 7.09 -30.99 -5.72
N LEU A 718 6.68 -30.04 -6.58
CA LEU A 718 6.40 -28.69 -6.14
C LEU A 718 4.98 -28.34 -6.58
N ASP A 719 4.16 -29.37 -6.81
CA ASP A 719 2.78 -29.14 -7.26
C ASP A 719 1.92 -28.42 -6.23
N ASP A 720 2.20 -28.63 -4.94
CA ASP A 720 1.49 -27.98 -3.87
C ASP A 720 1.83 -26.51 -3.77
N ILE A 721 2.87 -25.98 -4.44
CA ILE A 721 3.11 -24.56 -4.39
C ILE A 721 2.99 -23.96 -5.80
N ARG A 722 2.91 -24.75 -6.85
CA ARG A 722 2.74 -24.08 -8.15
C ARG A 722 1.32 -23.52 -8.26
N THR A 723 1.13 -22.31 -8.75
CA THR A 723 -0.20 -21.73 -8.83
C THR A 723 -0.80 -21.92 -10.22
N HIS A 724 -2.02 -21.45 -10.37
CA HIS A 724 -2.71 -21.47 -11.66
C HIS A 724 -1.90 -20.69 -12.68
N TYR A 725 -1.21 -19.63 -12.32
CA TYR A 725 -0.40 -18.80 -13.17
C TYR A 725 0.92 -19.48 -13.52
N ASP A 726 1.39 -20.36 -12.63
CA ASP A 726 2.62 -21.07 -12.97
C ASP A 726 2.26 -22.09 -14.04
N ARG A 727 1.09 -22.70 -13.77
CA ARG A 727 0.64 -23.76 -14.69
C ARG A 727 0.46 -23.17 -16.08
N LEU A 728 -0.11 -21.98 -16.16
CA LEU A 728 -0.32 -21.31 -17.41
C LEU A 728 0.98 -21.02 -18.14
N VAL A 729 1.97 -20.49 -17.40
CA VAL A 729 3.24 -20.15 -18.01
C VAL A 729 3.87 -21.40 -18.57
N ASP A 730 3.88 -22.50 -17.84
CA ASP A 730 4.48 -23.75 -18.32
C ASP A 730 3.72 -24.23 -19.54
N GLU A 731 2.39 -24.32 -19.47
CA GLU A 731 1.55 -24.81 -20.57
C GLU A 731 1.73 -24.02 -21.86
N TYR A 732 2.01 -22.73 -21.81
CA TYR A 732 2.26 -21.95 -23.01
C TYR A 732 3.74 -21.85 -23.37
N SER A 733 4.60 -22.53 -22.62
CA SER A 733 6.03 -22.50 -22.88
C SER A 733 6.55 -23.44 -23.96
N LEU A 734 7.81 -23.28 -24.37
CA LEU A 734 8.42 -24.07 -25.42
C LEU A 734 8.72 -25.47 -24.92
N ASN A 735 8.80 -25.67 -23.63
CA ASN A 735 9.12 -27.00 -23.09
C ASN A 735 8.12 -27.28 -21.99
N ALA A 736 6.84 -27.47 -22.35
CA ALA A 736 5.80 -27.64 -21.35
C ALA A 736 6.04 -28.87 -20.48
N GLY A 737 6.00 -28.66 -19.17
CA GLY A 737 6.19 -29.78 -18.27
C GLY A 737 7.61 -29.84 -17.76
N LYS A 738 8.50 -29.05 -18.32
CA LYS A 738 9.93 -29.14 -17.96
C LYS A 738 10.41 -27.88 -17.33
N GLN A 739 11.48 -27.98 -16.56
CA GLN A 739 12.17 -26.85 -15.92
C GLN A 739 11.22 -26.06 -15.03
N ARG A 740 10.35 -26.71 -14.32
CA ARG A 740 9.36 -26.08 -13.47
C ARG A 740 9.88 -25.12 -12.45
N TYR A 741 10.97 -25.44 -11.75
CA TYR A 741 11.50 -24.60 -10.68
C TYR A 741 12.06 -23.33 -11.28
N GLU A 742 12.80 -23.53 -12.37
CA GLU A 742 13.38 -22.40 -13.10
C GLU A 742 12.32 -21.42 -13.53
N LYS A 743 11.16 -21.96 -13.98
CA LYS A 743 10.04 -21.14 -14.44
C LYS A 743 9.40 -20.36 -13.29
N MET A 744 9.68 -20.62 -12.03
CA MET A 744 9.16 -19.82 -10.95
C MET A 744 10.19 -18.82 -10.47
N ILE A 745 11.42 -18.95 -10.95
CA ILE A 745 12.52 -18.07 -10.54
C ILE A 745 13.14 -17.14 -11.58
N SER A 746 13.53 -17.62 -12.74
CA SER A 746 14.28 -16.84 -13.69
C SER A 746 13.63 -15.82 -14.61
N GLY A 747 14.56 -15.08 -15.22
CA GLY A 747 14.38 -13.93 -16.06
C GLY A 747 13.46 -14.12 -17.27
N MET A 748 13.56 -15.31 -17.84
CA MET A 748 12.73 -15.61 -19.01
C MET A 748 11.28 -15.75 -18.63
N TYR A 749 10.98 -16.07 -17.39
CA TYR A 749 9.65 -16.42 -16.95
C TYR A 749 8.91 -15.54 -16.00
N LEU A 750 9.54 -14.79 -15.09
CA LEU A 750 8.79 -14.00 -14.13
C LEU A 750 7.82 -13.04 -14.79
N GLY A 751 8.23 -12.33 -15.82
CA GLY A 751 7.36 -11.41 -16.53
C GLY A 751 6.04 -12.00 -16.97
N GLU A 752 6.05 -13.22 -17.50
CA GLU A 752 4.85 -13.91 -17.91
C GLU A 752 3.97 -14.30 -16.73
N ILE A 753 4.56 -14.51 -15.54
CA ILE A 753 3.71 -14.85 -14.40
C ILE A 753 2.90 -13.58 -14.10
N VAL A 754 3.65 -12.49 -14.07
CA VAL A 754 3.03 -11.19 -13.78
C VAL A 754 1.95 -10.86 -14.81
N ARG A 755 2.31 -10.98 -16.09
CA ARG A 755 1.36 -10.71 -17.16
C ARG A 755 0.07 -11.47 -16.97
N ASN A 756 0.16 -12.75 -16.61
CA ASN A 756 -1.04 -13.57 -16.47
C ASN A 756 -1.85 -13.15 -15.27
N ILE A 757 -1.18 -12.68 -14.22
CA ILE A 757 -1.93 -12.19 -13.07
C ILE A 757 -2.64 -10.90 -13.50
N LEU A 758 -1.96 -10.03 -14.24
CA LEU A 758 -2.57 -8.75 -14.62
C LEU A 758 -3.80 -8.98 -15.48
N ILE A 759 -3.66 -9.86 -16.48
CA ILE A 759 -4.82 -10.19 -17.32
C ILE A 759 -6.03 -10.63 -16.51
N ASP A 760 -5.91 -11.56 -15.59
CA ASP A 760 -6.97 -11.99 -14.69
C ASP A 760 -7.58 -10.84 -13.90
N PHE A 761 -6.73 -9.98 -13.32
CA PHE A 761 -7.23 -8.83 -12.58
C PHE A 761 -7.95 -7.86 -13.53
N THR A 762 -7.44 -7.71 -14.74
CA THR A 762 -8.14 -6.78 -15.65
C THR A 762 -9.52 -7.33 -16.02
N LYS A 763 -9.68 -8.61 -16.27
CA LYS A 763 -10.95 -9.23 -16.55
C LYS A 763 -11.92 -9.14 -15.38
N LYS A 764 -11.41 -9.16 -14.16
CA LYS A 764 -12.24 -9.01 -12.99
C LYS A 764 -12.56 -7.54 -12.71
N GLY A 765 -11.99 -6.61 -13.46
CA GLY A 765 -12.26 -5.20 -13.36
C GLY A 765 -11.52 -4.44 -12.29
N PHE A 766 -10.44 -5.04 -11.79
CA PHE A 766 -9.61 -4.41 -10.77
C PHE A 766 -8.50 -3.54 -11.32
N LEU A 767 -8.21 -3.57 -12.59
CA LEU A 767 -7.18 -2.82 -13.26
C LEU A 767 -7.60 -2.38 -14.66
N PHE A 768 -6.99 -1.31 -15.12
CA PHE A 768 -7.17 -0.78 -16.46
C PHE A 768 -8.58 -0.64 -17.00
N ARG A 769 -9.59 -0.41 -16.14
CA ARG A 769 -10.96 -0.22 -16.57
C ARG A 769 -11.58 -1.47 -17.17
N GLY A 770 -11.03 -2.65 -16.96
CA GLY A 770 -11.49 -3.90 -17.54
C GLY A 770 -11.05 -4.12 -18.98
N GLN A 771 -10.15 -3.30 -19.52
CA GLN A 771 -9.66 -3.36 -20.89
C GLN A 771 -8.41 -4.19 -21.16
N ILE A 772 -8.55 -5.40 -21.70
CA ILE A 772 -7.36 -6.21 -22.03
C ILE A 772 -6.82 -5.67 -23.35
N SER A 773 -5.82 -4.79 -23.28
CA SER A 773 -5.32 -4.15 -24.48
C SER A 773 -4.57 -5.20 -25.29
N GLU A 774 -4.96 -5.24 -26.54
CA GLU A 774 -4.11 -6.07 -27.38
C GLU A 774 -2.67 -5.96 -26.95
N THR A 775 -1.98 -4.98 -26.38
CA THR A 775 -0.59 -5.33 -26.09
C THR A 775 -0.43 -6.10 -24.80
N LEU A 776 -1.40 -6.11 -23.88
CA LEU A 776 -1.38 -6.89 -22.66
C LEU A 776 -1.62 -8.35 -23.06
N LYS A 777 -2.40 -8.58 -24.12
CA LYS A 777 -2.63 -9.94 -24.61
C LYS A 777 -1.38 -10.45 -25.33
N THR A 778 -0.31 -9.69 -25.57
CA THR A 778 0.90 -10.09 -26.25
C THR A 778 2.04 -10.60 -25.38
N ARG A 779 2.26 -11.91 -25.37
CA ARG A 779 3.34 -12.54 -24.61
C ARG A 779 4.70 -11.87 -24.82
N GLY A 780 5.47 -11.74 -23.75
CA GLY A 780 6.82 -11.19 -23.75
C GLY A 780 6.92 -9.72 -23.37
N ILE A 781 5.80 -9.03 -23.57
CA ILE A 781 5.68 -7.61 -23.29
C ILE A 781 5.96 -7.27 -21.84
N PHE A 782 5.77 -8.13 -20.86
CA PHE A 782 6.22 -7.76 -19.52
C PHE A 782 7.66 -8.17 -19.27
N GLU A 783 8.53 -7.73 -20.17
CA GLU A 783 9.93 -8.07 -20.04
C GLU A 783 10.26 -7.92 -18.55
N THR A 784 11.29 -8.73 -18.25
CA THR A 784 11.63 -8.58 -16.83
C THR A 784 12.61 -7.46 -16.77
N LYS A 785 12.98 -6.83 -17.88
CA LYS A 785 13.80 -5.62 -17.92
C LYS A 785 13.01 -4.55 -17.19
N PHE A 786 11.72 -4.47 -17.50
CA PHE A 786 10.75 -3.54 -16.94
C PHE A 786 10.23 -3.98 -15.59
N LEU A 787 10.62 -5.17 -15.14
CA LEU A 787 10.19 -5.72 -13.86
C LEU A 787 11.01 -5.17 -12.71
N SER A 788 12.24 -4.79 -13.05
CA SER A 788 13.18 -4.21 -12.10
C SER A 788 12.88 -2.72 -11.94
N GLN A 789 12.60 -2.11 -13.08
CA GLN A 789 12.22 -0.72 -13.25
C GLN A 789 10.95 -0.36 -12.49
N ILE A 790 9.91 -1.17 -12.64
CA ILE A 790 8.65 -0.94 -11.95
C ILE A 790 8.84 -1.18 -10.45
N GLU A 791 9.75 -2.02 -10.00
CA GLU A 791 9.85 -2.35 -8.58
C GLU A 791 10.61 -1.41 -7.65
N SER A 792 11.08 -0.31 -8.18
CA SER A 792 11.75 0.79 -7.52
C SER A 792 11.39 2.04 -8.33
N ASP A 793 10.45 2.78 -7.81
CA ASP A 793 9.75 3.86 -8.45
C ASP A 793 9.93 5.24 -7.86
N ARG A 794 8.93 5.99 -8.29
CA ARG A 794 8.81 7.34 -7.80
C ARG A 794 7.65 7.21 -6.81
N LEU A 795 7.14 8.38 -6.56
CA LEU A 795 6.06 8.51 -5.57
C LEU A 795 4.86 8.98 -6.37
N ALA A 796 5.20 9.50 -7.56
CA ALA A 796 4.17 9.81 -8.53
C ALA A 796 3.91 8.46 -9.18
N LEU A 797 4.84 7.50 -9.02
CA LEU A 797 4.84 6.25 -9.73
C LEU A 797 4.76 6.68 -11.19
N LEU A 798 5.23 7.88 -11.52
CA LEU A 798 5.14 8.45 -12.84
C LEU A 798 6.02 7.53 -13.66
N GLN A 799 6.93 6.79 -13.05
CA GLN A 799 7.79 5.79 -13.61
C GLN A 799 7.03 4.56 -14.06
N VAL A 800 6.21 4.12 -13.11
CA VAL A 800 5.40 2.94 -13.43
C VAL A 800 4.43 3.29 -14.54
N ARG A 801 4.09 4.53 -14.85
CA ARG A 801 3.23 4.99 -15.90
C ARG A 801 3.82 4.90 -17.29
N ALA A 802 5.04 5.39 -17.48
CA ALA A 802 5.66 5.39 -18.80
C ALA A 802 5.98 3.96 -19.22
N ILE A 803 6.29 3.14 -18.22
CA ILE A 803 6.52 1.74 -18.53
C ILE A 803 5.21 1.18 -19.09
N LEU A 804 4.16 1.26 -18.29
CA LEU A 804 2.87 0.69 -18.67
C LEU A 804 2.22 1.35 -19.87
N GLN A 805 2.43 2.62 -20.11
CA GLN A 805 1.89 3.32 -21.26
C GLN A 805 2.72 3.05 -22.52
N GLN A 806 4.04 3.15 -22.46
CA GLN A 806 4.92 2.85 -23.59
C GLN A 806 4.46 1.57 -24.28
N LEU A 807 4.40 0.52 -23.44
CA LEU A 807 3.89 -0.75 -23.92
C LEU A 807 2.52 -0.43 -24.52
N GLY A 808 1.57 -0.03 -23.67
CA GLY A 808 0.30 0.36 -24.21
C GLY A 808 -0.93 0.48 -23.37
N LEU A 809 -0.88 0.39 -22.04
CA LEU A 809 -2.14 0.56 -21.31
C LEU A 809 -2.14 1.94 -20.66
N ASN A 810 -3.18 2.21 -19.88
CA ASN A 810 -3.20 3.56 -19.30
C ASN A 810 -3.58 3.51 -17.85
N SER A 811 -2.52 3.69 -17.06
CA SER A 811 -2.72 3.62 -15.65
C SER A 811 -3.28 4.89 -15.06
N THR A 812 -3.75 4.48 -13.90
CA THR A 812 -4.24 5.38 -12.89
C THR A 812 -3.14 5.12 -11.86
N CYS A 813 -3.11 6.03 -10.90
CA CYS A 813 -2.08 5.81 -9.88
C CYS A 813 -2.52 4.59 -9.07
N ASP A 814 -3.83 4.34 -9.00
CA ASP A 814 -4.24 3.12 -8.32
C ASP A 814 -3.72 1.92 -9.09
N ASP A 815 -3.83 2.02 -10.41
CA ASP A 815 -3.36 0.99 -11.32
C ASP A 815 -1.89 0.67 -11.07
N SER A 816 -1.00 1.61 -11.30
CA SER A 816 0.44 1.41 -11.13
C SER A 816 0.75 0.67 -9.84
N ILE A 817 0.22 1.19 -8.75
CA ILE A 817 0.38 0.55 -7.44
C ILE A 817 0.16 -0.95 -7.51
N LEU A 818 -1.05 -1.32 -7.94
CA LEU A 818 -1.39 -2.73 -8.10
C LEU A 818 -0.34 -3.46 -8.94
N VAL A 819 -0.03 -2.93 -10.11
CA VAL A 819 1.03 -3.51 -10.91
C VAL A 819 2.30 -3.66 -10.08
N LYS A 820 2.76 -2.66 -9.35
CA LYS A 820 3.99 -2.79 -8.55
C LYS A 820 3.83 -3.86 -7.48
N THR A 821 2.67 -3.91 -6.83
CA THR A 821 2.52 -4.99 -5.85
C THR A 821 2.63 -6.39 -6.45
N VAL A 822 2.01 -6.61 -7.61
CA VAL A 822 2.03 -7.92 -8.23
C VAL A 822 3.47 -8.29 -8.57
N CYS A 823 4.20 -7.37 -9.18
CA CYS A 823 5.60 -7.61 -9.51
C CYS A 823 6.36 -8.10 -8.30
N GLY A 824 6.16 -7.39 -7.19
CA GLY A 824 6.86 -7.68 -5.96
C GLY A 824 6.58 -9.05 -5.38
N VAL A 825 5.33 -9.47 -5.44
CA VAL A 825 4.91 -10.75 -4.91
C VAL A 825 5.64 -11.84 -5.70
N VAL A 826 5.71 -11.67 -7.02
CA VAL A 826 6.34 -12.63 -7.89
C VAL A 826 7.84 -12.66 -7.70
N SER A 827 8.47 -11.50 -7.68
CA SER A 827 9.94 -11.50 -7.51
C SER A 827 10.35 -11.92 -6.13
N ARG A 828 9.58 -11.65 -5.11
CA ARG A 828 9.90 -12.03 -3.73
C ARG A 828 9.79 -13.54 -3.63
N ARG A 829 8.77 -14.18 -4.21
CA ARG A 829 8.65 -15.62 -4.15
C ARG A 829 9.81 -16.23 -4.92
N ALA A 830 10.19 -15.68 -6.06
CA ALA A 830 11.28 -16.19 -6.84
C ALA A 830 12.58 -16.23 -6.03
N ALA A 831 12.91 -15.11 -5.40
CA ALA A 831 14.08 -15.05 -4.55
C ALA A 831 13.94 -15.97 -3.33
N GLN A 832 12.77 -16.19 -2.74
CA GLN A 832 12.71 -17.12 -1.62
C GLN A 832 12.90 -18.56 -2.10
N LEU A 833 12.39 -18.87 -3.29
CA LEU A 833 12.48 -20.21 -3.83
C LEU A 833 13.95 -20.54 -4.09
N CYS A 834 14.61 -19.64 -4.79
CA CYS A 834 16.02 -19.66 -5.10
C CYS A 834 16.80 -19.80 -3.81
N GLY A 835 16.47 -19.03 -2.80
CA GLY A 835 17.07 -19.18 -1.48
C GLY A 835 16.96 -20.57 -0.88
N ALA A 836 15.81 -21.22 -1.00
CA ALA A 836 15.60 -22.49 -0.33
C ALA A 836 16.47 -23.54 -0.99
N GLY A 837 16.67 -23.37 -2.29
CA GLY A 837 17.47 -24.37 -3.02
C GLY A 837 18.89 -24.09 -2.57
N MET A 838 19.26 -22.80 -2.56
CA MET A 838 20.65 -22.54 -2.13
C MET A 838 20.86 -23.00 -0.68
N ALA A 839 19.85 -22.91 0.18
CA ALA A 839 20.02 -23.32 1.56
C ALA A 839 20.29 -24.82 1.64
N ALA A 840 19.75 -25.60 0.74
CA ALA A 840 19.98 -27.03 0.72
C ALA A 840 21.43 -27.34 0.31
N VAL A 841 21.90 -26.66 -0.72
CA VAL A 841 23.27 -26.88 -1.18
C VAL A 841 24.30 -26.56 -0.09
N VAL A 842 24.27 -25.36 0.53
CA VAL A 842 25.27 -25.06 1.55
C VAL A 842 25.16 -25.94 2.77
N ASP A 843 24.01 -26.39 3.22
CA ASP A 843 23.90 -27.23 4.41
C ASP A 843 24.37 -28.61 4.05
N LYS A 844 24.26 -29.00 2.77
CA LYS A 844 24.81 -30.33 2.42
C LYS A 844 26.33 -30.23 2.55
N ILE A 845 26.94 -29.13 2.08
CA ILE A 845 28.39 -28.99 2.09
C ILE A 845 28.84 -28.99 3.53
N ARG A 846 28.12 -28.25 4.37
CA ARG A 846 28.45 -28.15 5.78
C ARG A 846 28.38 -29.50 6.48
N GLU A 847 27.19 -30.06 6.39
CA GLU A 847 26.87 -31.32 7.04
C GLU A 847 27.85 -32.35 6.51
N ASN A 848 28.07 -32.37 5.21
CA ASN A 848 29.00 -33.37 4.71
C ASN A 848 30.41 -33.26 5.23
N ARG A 849 30.90 -32.08 5.58
CA ARG A 849 32.28 -31.96 6.05
C ARG A 849 32.41 -32.02 7.57
N GLY A 850 31.30 -32.39 8.19
CA GLY A 850 31.20 -32.50 9.62
C GLY A 850 31.45 -31.20 10.36
N LEU A 851 31.06 -30.06 9.83
CA LEU A 851 31.31 -28.78 10.48
C LEU A 851 30.11 -28.22 11.19
N ASP A 852 30.41 -27.45 12.22
CA ASP A 852 29.43 -26.80 13.07
C ASP A 852 28.89 -25.55 12.38
N ARG A 853 29.74 -24.86 11.65
CA ARG A 853 29.40 -23.68 10.91
C ARG A 853 30.15 -23.85 9.57
N LEU A 854 29.73 -23.16 8.54
CA LEU A 854 30.39 -23.24 7.28
C LEU A 854 30.47 -21.80 6.74
N ASN A 855 31.61 -21.35 6.32
CA ASN A 855 31.84 -20.02 5.77
C ASN A 855 32.06 -20.42 4.30
N VAL A 856 31.16 -20.02 3.42
CA VAL A 856 31.27 -20.42 2.04
C VAL A 856 30.90 -19.27 1.11
N THR A 857 31.61 -19.14 0.01
CA THR A 857 31.27 -18.11 -0.98
C THR A 857 30.55 -18.71 -2.17
N VAL A 858 29.56 -18.01 -2.72
CA VAL A 858 28.83 -18.45 -3.90
C VAL A 858 29.16 -17.47 -5.02
N GLY A 859 29.70 -17.91 -6.13
CA GLY A 859 29.96 -16.95 -7.22
C GLY A 859 28.62 -16.87 -7.97
N VAL A 860 28.15 -15.64 -8.24
CA VAL A 860 26.83 -15.52 -8.84
C VAL A 860 26.81 -14.66 -10.10
N ASP A 861 25.83 -14.92 -10.98
CA ASP A 861 25.74 -14.07 -12.15
C ASP A 861 24.34 -14.17 -12.70
N GLY A 862 24.05 -13.40 -13.73
CA GLY A 862 22.73 -13.37 -14.30
C GLY A 862 22.13 -11.97 -14.25
N THR A 863 21.34 -11.65 -15.28
CA THR A 863 20.78 -10.30 -15.39
C THR A 863 19.68 -9.96 -14.39
N LEU A 864 18.76 -10.86 -14.11
CA LEU A 864 17.75 -10.59 -13.10
C LEU A 864 18.46 -10.43 -11.75
N TYR A 865 19.45 -11.25 -11.44
CA TYR A 865 20.13 -11.14 -10.16
C TYR A 865 20.84 -9.76 -10.10
N LYS A 866 21.54 -9.43 -11.17
CA LYS A 866 22.25 -8.17 -11.18
C LYS A 866 21.32 -6.95 -11.14
N LEU A 867 20.28 -6.91 -11.98
CA LEU A 867 19.48 -5.70 -12.02
C LEU A 867 18.32 -5.60 -11.03
N HIS A 868 17.72 -6.66 -10.54
CA HIS A 868 16.54 -6.49 -9.70
C HIS A 868 16.89 -5.82 -8.39
N PRO A 869 16.12 -4.84 -7.96
CA PRO A 869 16.35 -4.12 -6.74
C PRO A 869 16.22 -4.96 -5.51
N HIS A 870 15.35 -5.96 -5.43
CA HIS A 870 15.19 -6.70 -4.19
C HIS A 870 15.55 -8.19 -4.27
N PHE A 871 15.71 -8.73 -5.48
CA PHE A 871 15.93 -10.18 -5.56
C PHE A 871 17.07 -10.65 -4.69
N SER A 872 18.26 -10.09 -4.92
CA SER A 872 19.46 -10.56 -4.22
C SER A 872 19.38 -10.39 -2.71
N ARG A 873 18.93 -9.24 -2.24
CA ARG A 873 18.72 -9.10 -0.80
C ARG A 873 17.78 -10.13 -0.17
N ILE A 874 16.61 -10.31 -0.80
CA ILE A 874 15.61 -11.23 -0.31
C ILE A 874 16.18 -12.65 -0.32
N MET A 875 16.87 -12.96 -1.42
CA MET A 875 17.47 -14.28 -1.49
C MET A 875 18.56 -14.55 -0.47
N HIS A 876 19.43 -13.58 -0.16
CA HIS A 876 20.45 -13.78 0.85
C HIS A 876 19.79 -13.91 2.22
N GLN A 877 18.74 -13.09 2.43
CA GLN A 877 18.08 -13.18 3.74
C GLN A 877 17.51 -14.57 3.97
N THR A 878 16.86 -15.12 2.92
CA THR A 878 16.28 -16.45 2.98
C THR A 878 17.33 -17.50 3.30
N VAL A 879 18.46 -17.45 2.57
CA VAL A 879 19.50 -18.41 2.85
C VAL A 879 19.94 -18.40 4.30
N LYS A 880 20.08 -17.20 4.85
CA LYS A 880 20.54 -17.01 6.24
C LYS A 880 19.54 -17.56 7.23
N GLU A 881 18.24 -17.36 6.92
CA GLU A 881 17.20 -17.89 7.78
C GLU A 881 17.07 -19.39 7.66
N LEU A 882 17.19 -19.95 6.47
CA LEU A 882 16.95 -21.39 6.30
C LEU A 882 18.14 -22.26 6.60
N SER A 883 19.34 -21.69 6.55
CA SER A 883 20.53 -22.47 6.90
C SER A 883 21.39 -21.63 7.82
N PRO A 884 20.94 -21.47 9.06
CA PRO A 884 21.54 -20.61 10.04
C PRO A 884 22.97 -20.92 10.40
N LYS A 885 23.44 -22.14 10.20
CA LYS A 885 24.77 -22.53 10.61
C LYS A 885 25.75 -22.35 9.48
N CYS A 886 25.25 -21.87 8.36
CA CYS A 886 26.08 -21.50 7.24
C CYS A 886 26.11 -19.96 7.18
N ASN A 887 27.27 -19.42 6.93
CA ASN A 887 27.50 -17.99 6.74
C ASN A 887 27.89 -17.88 5.26
N VAL A 888 26.93 -17.48 4.43
CA VAL A 888 27.13 -17.43 3.00
C VAL A 888 27.39 -16.05 2.40
N SER A 889 28.51 -15.93 1.69
CA SER A 889 28.84 -14.70 0.99
C SER A 889 28.50 -14.85 -0.49
N PHE A 890 27.71 -13.94 -1.05
CA PHE A 890 27.38 -14.04 -2.46
C PHE A 890 28.23 -13.02 -3.22
N LEU A 891 29.12 -13.46 -4.08
CA LEU A 891 29.92 -12.53 -4.86
C LEU A 891 29.55 -12.48 -6.35
N LEU A 892 29.08 -11.33 -6.78
CA LEU A 892 28.68 -11.13 -8.16
C LEU A 892 29.87 -11.16 -9.10
N SER A 893 29.89 -11.97 -10.13
CA SER A 893 30.96 -11.86 -11.09
C SER A 893 30.92 -10.52 -11.83
N GLU A 894 32.11 -9.95 -12.01
CA GLU A 894 32.23 -8.74 -12.82
C GLU A 894 32.50 -9.17 -14.27
N ASP A 895 33.36 -10.18 -14.41
CA ASP A 895 33.85 -10.60 -15.71
C ASP A 895 33.06 -11.59 -16.54
N GLY A 896 32.00 -12.14 -15.91
CA GLY A 896 31.27 -13.15 -16.69
C GLY A 896 31.99 -14.47 -16.38
N SER A 897 31.50 -15.55 -17.01
CA SER A 897 31.96 -16.90 -16.89
C SER A 897 33.34 -17.05 -17.51
N GLY A 898 33.78 -16.17 -18.39
CA GLY A 898 35.01 -16.19 -19.13
C GLY A 898 36.32 -16.42 -18.40
N LYS A 899 36.59 -15.65 -17.35
CA LYS A 899 37.81 -15.87 -16.59
C LYS A 899 37.79 -17.31 -16.09
N GLY A 900 36.65 -17.78 -15.55
CA GLY A 900 36.52 -19.16 -15.07
C GLY A 900 36.58 -20.23 -16.15
N ALA A 901 36.02 -20.03 -17.33
CA ALA A 901 36.16 -21.01 -18.42
C ALA A 901 37.61 -21.17 -18.89
N ALA A 902 38.37 -20.06 -18.87
CA ALA A 902 39.79 -20.03 -19.20
C ALA A 902 40.59 -20.74 -18.14
N LEU A 903 40.25 -20.51 -16.90
CA LEU A 903 40.98 -21.25 -15.86
C LEU A 903 40.80 -22.76 -16.01
N ILE A 904 39.54 -23.15 -16.39
CA ILE A 904 39.17 -24.55 -16.55
C ILE A 904 39.97 -25.14 -17.73
N THR A 905 39.98 -24.33 -18.78
CA THR A 905 40.80 -24.72 -19.93
C THR A 905 42.29 -24.89 -19.63
N ALA A 906 42.87 -24.04 -18.78
CA ALA A 906 44.28 -24.11 -18.44
C ALA A 906 44.60 -25.44 -17.75
N VAL A 907 43.75 -25.75 -16.78
CA VAL A 907 43.96 -26.99 -16.04
C VAL A 907 43.77 -28.16 -16.99
N GLY A 908 42.78 -28.10 -17.87
CA GLY A 908 42.56 -29.12 -18.88
C GLY A 908 43.82 -29.35 -19.70
N VAL A 909 44.40 -28.26 -20.22
CA VAL A 909 45.65 -28.44 -20.97
C VAL A 909 46.64 -29.13 -20.03
N ARG A 910 46.89 -28.49 -18.88
CA ARG A 910 47.82 -29.02 -17.89
C ARG A 910 47.61 -30.50 -17.61
N LEU A 911 46.38 -30.94 -17.39
CA LEU A 911 46.05 -32.33 -17.15
C LEU A 911 46.30 -33.25 -18.33
N ARG A 912 46.63 -32.77 -19.52
CA ARG A 912 47.02 -33.61 -20.63
C ARG A 912 48.46 -34.09 -20.43
N THR A 913 49.16 -33.42 -19.51
CA THR A 913 50.56 -33.62 -19.23
C THR A 913 50.98 -33.80 -17.79
C1 GLC B . -17.33 18.11 17.76
C2 GLC B . -16.50 16.97 17.28
C3 GLC B . -16.55 16.87 15.76
C4 GLC B . -17.95 16.92 15.23
C5 GLC B . -18.73 18.09 15.84
C6 GLC B . -20.20 18.07 15.65
O1 GLC B . -16.85 19.34 17.68
O2 GLC B . -15.17 17.24 17.60
O3 GLC B . -16.03 15.57 15.57
O4 GLC B . -17.93 16.95 13.82
O5 GLC B . -18.67 17.98 17.27
O6 GLC B . -20.96 16.91 15.98
C1 GLC C . 19.18 -23.58 -17.66
C2 GLC C . 20.13 -24.55 -18.32
C3 GLC C . 21.37 -24.62 -17.43
C4 GLC C . 21.97 -23.24 -17.25
C5 GLC C . 20.89 -22.25 -16.79
C6 GLC C . 21.48 -20.89 -16.71
O1 GLC C . 18.76 -23.99 -16.44
O2 GLC C . 19.76 -25.91 -18.19
O3 GLC C . 22.22 -25.56 -18.07
O4 GLC C . 22.90 -23.20 -16.19
O5 GLC C . 19.78 -22.29 -17.72
O6 GLC C . 22.07 -20.49 -17.92
P PO4 D . -27.07 17.55 16.83
O1 PO4 D . -27.98 18.59 17.35
O2 PO4 D . -25.85 17.60 17.68
O3 PO4 D . -27.49 16.19 17.23
O4 PO4 D . -26.69 17.64 15.27
PB ADP E . 23.23 -12.24 -20.29
O1B ADP E . 24.03 -11.86 -19.06
O2B ADP E . 22.81 -10.91 -20.83
O3B ADP E . 24.18 -12.86 -21.26
PA ADP E . 21.52 -13.75 -18.50
O1A ADP E . 20.91 -15.10 -18.65
O2A ADP E . 22.53 -14.02 -17.50
O3A ADP E . 22.03 -13.19 -19.89
O5' ADP E . 20.38 -12.71 -18.09
C5' ADP E . 19.26 -12.41 -18.95
C4' ADP E . 17.94 -12.11 -18.33
O4' ADP E . 17.77 -10.98 -17.49
C3' ADP E . 16.70 -12.21 -19.19
O3' ADP E . 15.92 -13.42 -18.96
C2' ADP E . 15.93 -10.90 -18.87
O2' ADP E . 14.51 -11.11 -18.94
C1' ADP E . 16.43 -10.57 -17.45
N9 ADP E . 16.46 -9.16 -17.15
C8 ADP E . 16.76 -8.12 -17.96
N7 ADP E . 16.60 -6.94 -17.46
C5 ADP E . 16.17 -7.19 -16.24
C6 ADP E . 15.86 -6.29 -15.25
N6 ADP E . 15.93 -4.96 -15.35
N1 ADP E . 15.47 -6.83 -14.09
C2 ADP E . 15.42 -8.19 -13.99
N3 ADP E . 15.68 -9.15 -14.85
C4 ADP E . 16.07 -8.54 -15.98
PB ADP F . -33.90 41.18 12.90
O1B ADP F . -33.45 39.90 13.50
O2B ADP F . -34.89 40.97 11.80
O3B ADP F . -34.43 41.98 14.01
PA ADP F . -31.15 41.22 12.43
O1A ADP F . -31.04 39.81 12.06
O2A ADP F . -30.25 41.97 11.56
O3A ADP F . -32.61 41.84 12.23
O5' ADP F . -31.18 41.27 14.01
C5' ADP F . -30.70 42.45 14.71
C4' ADP F . -30.39 42.20 16.16
O4' ADP F . -29.07 41.64 16.28
C3' ADP F . -30.50 43.28 17.21
O3' ADP F . -31.03 42.66 18.40
C2' ADP F . -29.01 43.74 17.27
O2' ADP F . -28.68 44.39 18.52
C1' ADP F . -28.26 42.44 17.08
N9 ADP F . -26.97 42.47 16.44
C8 ADP F . -26.58 43.08 15.32
N7 ADP F . -25.36 42.94 14.95
C5 ADP F . -24.89 42.17 15.90
C6 ADP F . -23.62 41.67 16.08
N6 ADP F . -22.61 41.92 15.24
N1 ADP F . -23.40 40.88 17.14
C2 ADP F . -24.40 40.59 18.04
N3 ADP F . -25.64 41.05 17.93
C4 ADP F . -25.82 41.83 16.85
#